data_8AAG
#
_entry.id   8AAG
#
_cell.length_a   1.00
_cell.length_b   1.00
_cell.length_c   1.00
_cell.angle_alpha   90.00
_cell.angle_beta   90.00
_cell.angle_gamma   90.00
#
_symmetry.space_group_name_H-M   'P 1'
#
loop_
_entity.id
_entity.type
_entity.pdbx_description
1 polymer 'DNA/RNA (185-MER)'
2 polymer 'DNA/RNA (185-MER)'
3 polymer 'Histone H1.0-B'
4 polymer 'Histone H3.2'
5 polymer 'Histone H4'
6 polymer 'Histone H2A type 1'
7 polymer 'Histone H2B type 1-C/E/F/G/I'
#
loop_
_entity_poly.entity_id
_entity_poly.type
_entity_poly.pdbx_seq_one_letter_code
_entity_poly.pdbx_strand_id
1 'polydeoxyribonucleotide/polyribonucleotide hybrid'
;(DA)(DA)(DC)(DT)(DA)(DC)(DG)(DT)(DA)(DA)(DT)(DA)(DT)(DT)(DG)(DG)(DC)(DC)(DA)(DG)
(DC)(DT)(DA)(DG)(DG)(DA)(DT)(DA)(DT)(DC)(DA)(DC)(DA)(DA)(DT)(DC)(DC)(DC)(DG)(DG)
(DT)(DG)(DC)(DC)(DG)(DA)(DG)(DG)(DC)(DC)(DG)(DC)(DT)(DC)(DA)(DA)(DT)(DT)(DG)(DG)
(DT)(DC)(DG)(DT)(DA)(DG)(DA)(DC)(DA)(DG)(DC)(DT)(DC)(DT)(DA)(DG)(DC)(DA)(DC)(DC)
(DG)(DC)(DT)(DT)(DA)(DA)(DA)(DC)(DG)(DC)(DA)(DC)(DG)(DT)(DA)(DC)(DG)(DG)(DA)(DA)
(DT)(DC)(DC)(DG)(DT)(DA)(DC)(DG)(DT)(DG)(DC)(DG)(DT)(DT)(DT)(DA)(DA)(DG)(DC)(DG)
(DG)(DT)(DG)(DC)(DT)(DA)(DG)(DA)(DG)(DC)(DT)(DG)(DT)(DC)(DT)(DA)(DC)(DG)(DA)(DC)
(DC)(DA)(DA)(DT)(DT)(DG)(DA)(DG)(DC)(DG)(DG)(DC)(DC)(DT)(DC)(DG)(DG)(DC)(DA)(DC)
CGGGA(DT)(DT)G(DT)GA(DT)A(DT)CC(DT)AGC(DT)GGCCAA(DT)A(DT)(DT)ACG(DT)AG(DT)
;
I
2 'polydeoxyribonucleotide/polyribonucleotide hybrid'
;AC(DT)ACG(DT)AA(DT)A(DT)(DT)GGCCAGC(DT)AGGA(DT)A(DT)CACAA(DT)CCCG(DG)(DT)(DG)
(DC)(DC)(DG)(DA)(DG)(DG)(DC)(DC)(DG)(DC)(DT)(DC)(DA)(DA)(DT)(DT)(DG)(DG)(DT)(DC)
(DG)(DT)(DA)(DG)(DA)(DC)(DA)(DG)(DC)(DT)(DC)(DT)(DA)(DG)(DC)(DA)(DC)(DC)(DG)(DC)
(DT)(DT)(DA)(DA)(DA)(DC)(DG)(DC)(DA)(DC)(DG)(DT)(DA)(DC)(DG)(DG)(DA)(DT)(DT)(DC)
(DC)(DG)(DT)(DA)(DC)(DG)(DT)(DG)(DC)(DG)(DT)(DT)(DT)(DA)(DA)(DG)(DC)(DG)(DG)(DT)
(DG)(DC)(DT)(DA)(DG)(DA)(DG)(DC)(DT)(DG)(DT)(DC)(DT)(DA)(DC)(DG)(DA)(DC)(DC)(DA)
(DA)(DT)(DT)(DG)(DA)(DG)(DC)(DG)(DG)(DC)(DC)(DT)(DC)(DG)(DG)(DC)(DA)(DC)(DC)(DG)
(DG)(DG)(DA)(DT)(DT)(DG)(DT)(DG)(DA)(DT)(DA)(DT)(DC)(DC)(DT)(DA)(DG)(DC)(DT)(DG)
(DG)(DC)(DC)(DA)(DA)(DT)(DA)(DT)(DT)(DA)CG(DT)AG(DT)
;
J
3 'polypeptide(L)'
;MAENSAATPAAKPKRSKALKKSTDHPKYSDMILAAVQAEKSRSGSSRQSIQKYIKNHYKVGENADSQIKLSIKRLVTSGA
LKQTKGVGASGSFRLAKADEGKKPAKKPKKEIKKAVSPKKVAKPKKAAKSPAKAKKPKVAEKKVKKVAKKKPAPSPKKAK
KTKTVKAKPVRASKVKKAKPSKPKAKASPKKSGRKK
;
Z
4 'polypeptide(L)'
;MARTKQTARKSTGGKAPRKQLATKAARKSAPATGGVKKPHRYRPGTVALREIRRYQKSTELLIRKLPFQRLVREIAQDFK
TDLRFQSSAVMALQEASEAYLVALFEDTNLCAIHAKRVTIMPKDIQLARRIRGERA
;
A,E
5 'polypeptide(L)'
;MSGRGKGGKGLGKGGAKRHRKVLRDNIQGITKPAIRRLARRGGVKRISGLIYEETRGVLKVFLENVIRDAVTYTEHAKRK
TVTAMDVVYALKRQGRTLYGFGG
;
B,F
6 'polypeptide(L)'
;SGRGKQGGKTRAKAKTRSSRAGLQFPVGRVHRLLRKGNYAERVGAGAPVYLAAVLEYLTAEILELAGNAARDNKKTRIIP
RHLQLAVRNDEELNKLLGRVTIAQGGVLPNIQSVLLPKKTESSKSAKSK
;
C,G
7 'polypeptide(L)'
;AKSAPAPKKGSKKAVTKTQKKDGKKRRKTRKESYAIYVYKVLKQVHPDTGISSKAMSIMNSFVNDVFERIAGEASRLAHY
NKRSTITSREIQTAVRLLLPGELAKHAVSEGTKAVTKYTSAK
;
D,H
#
loop_
_chem_comp.id
_chem_comp.type
_chem_comp.name
_chem_comp.formula
A RNA linking ADENOSINE-5'-MONOPHOSPHATE 'C10 H14 N5 O7 P'
C RNA linking CYTIDINE-5'-MONOPHOSPHATE 'C9 H14 N3 O8 P'
DA DNA linking 2'-DEOXYADENOSINE-5'-MONOPHOSPHATE 'C10 H14 N5 O6 P'
DC DNA linking 2'-DEOXYCYTIDINE-5'-MONOPHOSPHATE 'C9 H14 N3 O7 P'
DG DNA linking 2'-DEOXYGUANOSINE-5'-MONOPHOSPHATE 'C10 H14 N5 O7 P'
DT DNA linking THYMIDINE-5'-MONOPHOSPHATE 'C10 H15 N2 O8 P'
G RNA linking GUANOSINE-5'-MONOPHOSPHATE 'C10 H14 N5 O8 P'
#
# COMPACT_ATOMS: atom_id res chain seq x y z
N HIS C 25 0.47 57.57 -12.77
CA HIS C 25 1.10 57.24 -11.50
C HIS C 25 2.15 58.28 -11.13
N PRO C 26 2.34 58.52 -9.82
CA PRO C 26 3.18 59.62 -9.37
C PRO C 26 4.65 59.24 -9.27
N LYS C 27 5.43 60.19 -8.74
CA LYS C 27 6.87 60.05 -8.52
C LYS C 27 7.16 59.25 -7.25
N TYR C 28 8.41 58.77 -7.15
CA TYR C 28 8.75 57.82 -6.10
C TYR C 28 8.99 58.47 -4.74
N SER C 29 9.63 59.64 -4.70
CA SER C 29 10.01 60.22 -3.42
C SER C 29 8.79 60.59 -2.58
N ASP C 30 7.82 61.27 -3.18
CA ASP C 30 6.62 61.59 -2.45
C ASP C 30 5.78 60.35 -2.20
N MET C 31 5.97 59.30 -3.00
CA MET C 31 5.33 58.02 -2.67
C MET C 31 5.89 57.44 -1.38
N ILE C 32 7.21 57.49 -1.19
CA ILE C 32 7.79 57.07 0.08
C ILE C 32 7.30 57.96 1.21
N LEU C 33 7.22 59.26 0.94
CA LEU C 33 6.67 60.20 1.92
C LEU C 33 5.26 59.83 2.34
N ALA C 34 4.37 59.59 1.37
CA ALA C 34 2.98 59.26 1.69
C ALA C 34 2.87 57.85 2.25
N ALA C 35 3.87 56.99 1.99
CA ALA C 35 3.87 55.66 2.58
C ALA C 35 4.19 55.74 4.06
N VAL C 36 5.23 56.50 4.43
CA VAL C 36 5.53 56.66 5.85
C VAL C 36 4.43 57.46 6.53
N GLN C 37 3.71 58.30 5.77
CA GLN C 37 2.56 58.99 6.34
C GLN C 37 1.39 58.05 6.59
N ALA C 38 1.06 57.21 5.61
CA ALA C 38 -0.16 56.42 5.65
C ALA C 38 -0.06 55.21 6.56
N GLU C 39 1.11 54.59 6.68
CA GLU C 39 1.32 53.51 7.63
C GLU C 39 1.81 54.14 8.93
N LYS C 40 0.94 54.11 9.94
CA LYS C 40 1.23 54.77 11.21
C LYS C 40 1.80 53.75 12.20
N SER C 41 3.03 53.37 11.94
CA SER C 41 3.82 52.56 12.86
C SER C 41 4.74 53.47 13.67
N ARG C 42 5.34 52.90 14.71
CA ARG C 42 6.14 53.70 15.63
C ARG C 42 7.36 54.31 14.94
N SER C 43 7.87 53.68 13.89
CA SER C 43 9.10 54.13 13.26
C SER C 43 8.84 54.75 11.90
N GLY C 44 7.76 55.51 11.77
CA GLY C 44 7.35 55.96 10.46
C GLY C 44 6.91 54.78 9.62
N SER C 45 7.73 54.41 8.64
CA SER C 45 7.50 53.17 7.92
C SER C 45 8.84 52.61 7.47
N SER C 46 9.02 51.32 7.70
CA SER C 46 10.20 50.62 7.21
C SER C 46 10.12 50.50 5.69
N ARG C 47 11.21 50.07 5.07
CA ARG C 47 11.24 50.03 3.62
C ARG C 47 10.29 48.98 3.07
N GLN C 48 10.11 47.86 3.78
CA GLN C 48 9.15 46.86 3.34
C GLN C 48 7.73 47.44 3.32
N SER C 49 7.36 48.20 4.36
CA SER C 49 6.04 48.82 4.40
C SER C 49 5.87 49.83 3.27
N ILE C 50 6.91 50.64 3.02
CA ILE C 50 6.85 51.62 1.94
C ILE C 50 6.68 50.94 0.60
N GLN C 51 7.44 49.87 0.35
CA GLN C 51 7.31 49.13 -0.91
C GLN C 51 5.94 48.50 -1.05
N LYS C 52 5.41 47.95 0.05
CA LYS C 52 4.06 47.39 -0.01
C LYS C 52 3.03 48.45 -0.39
N TYR C 53 3.03 49.59 0.31
CA TYR C 53 2.01 50.61 0.08
C TYR C 53 2.13 51.22 -1.31
N ILE C 54 3.36 51.45 -1.78
CA ILE C 54 3.56 52.10 -3.09
C ILE C 54 2.88 51.31 -4.19
N LYS C 55 3.08 49.99 -4.20
CA LYS C 55 2.39 49.16 -5.17
C LYS C 55 0.91 49.03 -4.85
N ASN C 56 0.54 48.95 -3.57
CA ASN C 56 -0.84 48.74 -3.18
C ASN C 56 -1.76 49.92 -3.49
N HIS C 57 -1.21 51.11 -3.74
CA HIS C 57 -2.06 52.28 -3.93
C HIS C 57 -1.89 52.97 -5.27
N TYR C 58 -0.94 52.56 -6.10
CA TYR C 58 -0.69 53.28 -7.35
C TYR C 58 -0.25 52.33 -8.44
N LYS C 59 -0.45 52.76 -9.69
CA LYS C 59 -0.11 51.96 -10.85
C LYS C 59 1.40 51.93 -11.06
N VAL C 60 2.07 50.99 -10.41
CA VAL C 60 3.52 50.91 -10.47
C VAL C 60 3.94 49.84 -11.46
N GLY C 61 5.10 50.04 -12.07
CA GLY C 61 5.60 49.15 -13.10
C GLY C 61 6.53 48.10 -12.54
N GLU C 62 7.17 47.38 -13.47
CA GLU C 62 8.11 46.33 -13.10
C GLU C 62 9.48 46.87 -12.67
N ASN C 63 9.77 48.13 -12.95
CA ASN C 63 11.00 48.78 -12.51
C ASN C 63 10.81 49.52 -11.19
N ALA C 64 9.86 49.07 -10.37
CA ALA C 64 9.45 49.84 -9.19
C ALA C 64 10.54 49.85 -8.12
N ASP C 65 11.08 48.68 -7.78
CA ASP C 65 11.93 48.56 -6.61
C ASP C 65 13.22 49.37 -6.76
N SER C 66 13.83 49.33 -7.95
CA SER C 66 15.07 50.06 -8.15
C SER C 66 14.88 51.56 -7.94
N GLN C 67 13.80 52.10 -8.50
CA GLN C 67 13.54 53.53 -8.35
C GLN C 67 13.15 53.88 -6.92
N ILE C 68 12.45 52.98 -6.24
CA ILE C 68 12.14 53.20 -4.82
C ILE C 68 13.42 53.33 -4.00
N LYS C 69 14.36 52.40 -4.20
CA LYS C 69 15.60 52.43 -3.42
C LYS C 69 16.43 53.66 -3.76
N LEU C 70 16.57 53.97 -5.05
CA LEU C 70 17.34 55.15 -5.44
C LEU C 70 16.73 56.41 -4.85
N SER C 71 15.40 56.48 -4.81
CA SER C 71 14.72 57.64 -4.24
C SER C 71 14.95 57.74 -2.74
N ILE C 72 14.88 56.63 -2.02
CA ILE C 72 15.13 56.69 -0.58
C ILE C 72 16.59 57.10 -0.31
N LYS C 73 17.52 56.57 -1.11
CA LYS C 73 18.91 57.00 -1.00
C LYS C 73 19.04 58.49 -1.18
N ARG C 74 18.47 59.03 -2.27
CA ARG C 74 18.62 60.45 -2.56
C ARG C 74 17.91 61.32 -1.52
N LEU C 75 16.82 60.83 -0.94
CA LEU C 75 16.14 61.59 0.11
C LEU C 75 16.93 61.60 1.41
N VAL C 76 17.46 60.45 1.82
CA VAL C 76 18.22 60.41 3.07
C VAL C 76 19.52 61.18 2.92
N THR C 77 20.10 61.19 1.71
CA THR C 77 21.29 62.02 1.48
C THR C 77 20.93 63.50 1.47
N SER C 78 19.84 63.85 0.80
CA SER C 78 19.35 65.22 0.85
C SER C 78 18.73 65.54 2.21
N GLY C 79 18.57 64.52 3.05
CA GLY C 79 17.98 64.71 4.36
C GLY C 79 16.47 64.69 4.39
N ALA C 80 15.82 64.46 3.25
CA ALA C 80 14.36 64.44 3.22
C ALA C 80 13.81 63.32 4.08
N LEU C 81 14.43 62.15 4.04
CA LEU C 81 14.09 61.07 4.93
C LEU C 81 15.13 60.98 6.04
N LYS C 82 14.79 61.52 7.21
CA LYS C 82 15.66 61.47 8.36
C LYS C 82 15.45 60.12 9.03
N GLN C 83 16.52 59.33 9.07
CA GLN C 83 16.38 57.96 9.50
C GLN C 83 16.28 57.88 11.01
N THR C 84 15.14 57.37 11.48
CA THR C 84 14.98 57.06 12.89
C THR C 84 15.37 55.64 13.22
N LYS C 85 15.33 54.73 12.24
CA LYS C 85 15.91 53.41 12.36
C LYS C 85 16.58 53.08 11.04
N GLY C 86 17.80 52.52 11.13
CA GLY C 86 18.54 52.17 9.93
C GLY C 86 19.39 53.33 9.42
N VAL C 87 20.16 53.03 8.38
CA VAL C 87 21.05 53.99 7.74
C VAL C 87 20.92 53.87 6.23
N GLY C 88 20.65 54.98 5.55
CA GLY C 88 20.57 54.98 4.10
C GLY C 88 19.18 54.74 3.58
N ALA C 89 19.13 53.92 2.52
CA ALA C 89 17.85 53.61 1.90
C ALA C 89 17.12 52.46 2.58
N SER C 90 17.79 51.71 3.44
CA SER C 90 17.20 50.53 4.07
C SER C 90 17.01 50.80 5.55
N GLY C 91 15.76 50.95 5.96
CA GLY C 91 15.44 51.13 7.37
C GLY C 91 14.13 51.84 7.60
N SER C 92 13.99 52.44 8.78
CA SER C 92 12.83 53.25 9.09
C SER C 92 13.23 54.72 9.08
N PHE C 93 12.64 55.46 8.15
CA PHE C 93 12.93 56.87 7.97
C PHE C 93 11.64 57.64 8.12
N ARG C 94 11.75 58.82 8.71
CA ARG C 94 10.61 59.68 8.91
C ARG C 94 10.87 60.99 8.18
N LEU C 95 9.78 61.58 7.68
CA LEU C 95 9.89 62.85 7.00
C LEU C 95 10.34 63.93 7.96
N ALA C 96 11.27 64.76 7.51
CA ALA C 96 11.63 65.92 8.30
C ALA C 96 10.47 66.91 8.32
N LYS C 97 10.04 67.27 9.53
CA LYS C 97 8.85 68.09 9.71
C LYS C 97 9.16 69.35 10.52
N PRO D 39 -17.59 38.49 29.18
CA PRO D 39 -17.79 37.14 28.65
C PRO D 39 -16.68 36.19 29.12
N HIS D 40 -16.14 35.43 28.16
CA HIS D 40 -14.90 34.68 28.32
C HIS D 40 -14.58 33.98 27.01
N ARG D 41 -13.31 33.97 26.62
CA ARG D 41 -12.90 33.46 25.32
C ARG D 41 -11.54 32.79 25.42
N TYR D 42 -11.46 31.53 24.98
CA TYR D 42 -10.17 30.85 24.85
C TYR D 42 -9.50 31.27 23.55
N ARG D 43 -8.18 31.35 23.57
CA ARG D 43 -7.44 31.69 22.36
C ARG D 43 -7.71 30.64 21.29
N PRO D 44 -7.74 31.04 20.01
CA PRO D 44 -8.00 30.06 18.94
C PRO D 44 -6.95 28.96 18.92
N GLY D 45 -7.41 27.72 19.01
CA GLY D 45 -6.56 26.55 19.09
C GLY D 45 -6.62 25.80 20.40
N THR D 46 -7.18 26.43 21.44
CA THR D 46 -7.22 25.77 22.74
C THR D 46 -8.29 24.69 22.77
N VAL D 47 -9.49 25.01 22.29
CA VAL D 47 -10.55 24.01 22.23
C VAL D 47 -10.24 22.96 21.16
N ALA D 48 -9.49 23.32 20.11
CA ALA D 48 -9.04 22.31 19.16
C ALA D 48 -8.20 21.25 19.85
N LEU D 49 -7.26 21.69 20.69
CA LEU D 49 -6.43 20.74 21.42
C LEU D 49 -7.24 19.95 22.43
N ARG D 50 -8.14 20.62 23.17
CA ARG D 50 -9.02 19.89 24.07
C ARG D 50 -9.79 18.80 23.33
N GLU D 51 -10.28 19.11 22.13
CA GLU D 51 -11.04 18.12 21.36
C GLU D 51 -10.15 17.00 20.83
N ILE D 52 -8.90 17.32 20.49
CA ILE D 52 -7.97 16.26 20.10
C ILE D 52 -7.76 15.29 21.26
N ARG D 53 -7.39 15.82 22.42
CA ARG D 53 -7.22 14.97 23.59
C ARG D 53 -8.48 14.16 23.85
N ARG D 54 -9.65 14.79 23.70
CA ARG D 54 -10.90 14.11 24.00
C ARG D 54 -11.16 12.95 23.02
N TYR D 55 -11.07 13.22 21.72
CA TYR D 55 -11.46 12.21 20.73
C TYR D 55 -10.39 11.16 20.46
N GLN D 56 -9.14 11.43 20.84
CA GLN D 56 -8.13 10.37 20.88
C GLN D 56 -8.23 9.54 22.16
N LYS D 57 -9.04 9.96 23.13
CA LYS D 57 -9.28 9.16 24.33
C LYS D 57 -10.41 8.17 24.15
N SER D 58 -11.35 8.44 23.27
CA SER D 58 -12.55 7.63 23.11
C SER D 58 -12.49 6.78 21.85
N THR D 59 -13.46 5.88 21.74
CA THR D 59 -13.54 4.95 20.62
C THR D 59 -14.89 4.95 19.92
N GLU D 60 -15.86 5.73 20.38
CA GLU D 60 -17.19 5.72 19.78
C GLU D 60 -17.16 6.38 18.40
N LEU D 61 -18.09 5.97 17.55
CA LEU D 61 -18.15 6.48 16.19
C LEU D 61 -18.48 7.97 16.18
N LEU D 62 -17.97 8.67 15.17
CA LEU D 62 -18.07 10.11 15.09
C LEU D 62 -19.01 10.63 14.03
N ILE D 63 -19.43 9.79 13.09
CA ILE D 63 -20.45 10.14 12.11
C ILE D 63 -21.80 9.69 12.67
N ARG D 64 -22.83 10.53 12.51
CA ARG D 64 -24.15 10.13 12.95
C ARG D 64 -24.64 8.96 12.12
N LYS D 65 -25.24 7.97 12.79
CA LYS D 65 -25.42 6.65 12.20
C LYS D 65 -26.40 6.67 11.04
N LEU D 66 -27.52 7.41 11.18
CA LEU D 66 -28.53 7.36 10.13
C LEU D 66 -28.09 8.08 8.86
N PRO D 67 -27.47 9.27 8.91
CA PRO D 67 -26.95 9.85 7.65
C PRO D 67 -26.00 8.91 6.91
N PHE D 68 -25.08 8.29 7.64
CA PHE D 68 -24.17 7.32 7.06
C PHE D 68 -24.94 6.17 6.42
N GLN D 69 -25.93 5.64 7.13
CA GLN D 69 -26.71 4.52 6.60
C GLN D 69 -27.40 4.89 5.29
N ARG D 70 -28.05 6.05 5.26
CA ARG D 70 -28.70 6.49 4.03
C ARG D 70 -27.71 6.69 2.89
N LEU D 71 -26.50 7.17 3.22
CA LEU D 71 -25.47 7.29 2.20
C LEU D 71 -25.05 5.93 1.66
N VAL D 72 -24.91 4.94 2.55
CA VAL D 72 -24.56 3.59 2.14
C VAL D 72 -25.62 3.03 1.19
N ARG D 73 -26.89 3.13 1.59
CA ARG D 73 -27.95 2.65 0.70
C ARG D 73 -27.94 3.39 -0.64
N GLU D 74 -27.73 4.71 -0.61
CA GLU D 74 -27.72 5.45 -1.87
C GLU D 74 -26.61 4.96 -2.79
N ILE D 75 -25.40 4.80 -2.24
CA ILE D 75 -24.28 4.33 -3.07
C ILE D 75 -24.55 2.92 -3.58
N ALA D 76 -25.14 2.07 -2.75
CA ALA D 76 -25.36 0.68 -3.16
C ALA D 76 -26.42 0.58 -4.27
N GLN D 77 -27.43 1.45 -4.23
CA GLN D 77 -28.48 1.37 -5.25
C GLN D 77 -27.91 1.52 -6.65
N ASP D 78 -26.90 2.36 -6.82
CA ASP D 78 -26.28 2.55 -8.12
C ASP D 78 -25.51 1.34 -8.61
N PHE D 79 -25.44 0.27 -7.80
CA PHE D 79 -24.82 -0.99 -8.20
C PHE D 79 -25.84 -2.09 -8.40
N LYS D 80 -26.81 -2.24 -7.49
CA LYS D 80 -27.89 -3.20 -7.65
C LYS D 80 -29.13 -2.67 -6.94
N THR D 81 -30.26 -2.70 -7.63
CA THR D 81 -31.49 -2.15 -7.07
C THR D 81 -32.15 -3.16 -6.14
N ASP D 82 -33.00 -2.63 -5.25
CA ASP D 82 -33.77 -3.44 -4.31
C ASP D 82 -32.84 -4.32 -3.49
N LEU D 83 -32.19 -3.73 -2.49
CA LEU D 83 -31.23 -4.43 -1.66
C LEU D 83 -31.49 -4.14 -0.18
N ARG D 84 -31.32 -5.15 0.65
CA ARG D 84 -31.40 -4.99 2.09
C ARG D 84 -30.01 -5.10 2.71
N PHE D 85 -29.84 -4.45 3.86
CA PHE D 85 -28.58 -4.42 4.58
C PHE D 85 -28.79 -4.94 5.99
N GLN D 86 -27.95 -5.87 6.42
CA GLN D 86 -27.88 -6.17 7.84
C GLN D 86 -27.40 -4.93 8.59
N SER D 87 -27.96 -4.73 9.78
CA SER D 87 -27.49 -3.60 10.59
C SER D 87 -26.00 -3.71 10.88
N SER D 88 -25.52 -4.93 11.13
CA SER D 88 -24.10 -5.14 11.37
C SER D 88 -23.27 -4.86 10.12
N ALA D 89 -23.84 -5.02 8.92
CA ALA D 89 -23.09 -4.68 7.72
C ALA D 89 -22.83 -3.18 7.62
N VAL D 90 -23.86 -2.38 7.90
CA VAL D 90 -23.68 -0.94 7.95
C VAL D 90 -22.72 -0.56 9.07
N MET D 91 -22.81 -1.24 10.22
CA MET D 91 -21.87 -0.94 11.30
C MET D 91 -20.44 -1.24 10.86
N ALA D 92 -20.24 -2.34 10.12
CA ALA D 92 -18.91 -2.66 9.62
C ALA D 92 -18.42 -1.60 8.65
N LEU D 93 -19.27 -1.20 7.71
CA LEU D 93 -18.90 -0.14 6.78
C LEU D 93 -18.54 1.15 7.50
N GLN D 94 -19.21 1.46 8.61
CA GLN D 94 -18.93 2.72 9.29
C GLN D 94 -17.64 2.65 10.09
N GLU D 95 -17.45 1.56 10.85
CA GLU D 95 -16.16 1.35 11.51
C GLU D 95 -15.01 1.47 10.52
N ALA D 96 -15.10 0.75 9.41
CA ALA D 96 -14.00 0.77 8.44
C ALA D 96 -13.81 2.17 7.83
N SER D 97 -14.91 2.79 7.39
CA SER D 97 -14.79 4.11 6.77
C SER D 97 -14.17 5.13 7.72
N GLU D 98 -14.63 5.14 8.98
CA GLU D 98 -14.11 6.12 9.92
C GLU D 98 -12.64 5.85 10.27
N ALA D 99 -12.26 4.58 10.47
CA ALA D 99 -10.84 4.30 10.66
C ALA D 99 -10.02 4.83 9.49
N TYR D 100 -10.50 4.59 8.28
CA TYR D 100 -9.82 5.07 7.08
C TYR D 100 -9.65 6.59 7.11
N LEU D 101 -10.72 7.32 7.44
CA LEU D 101 -10.65 8.78 7.45
C LEU D 101 -9.75 9.31 8.56
N VAL D 102 -9.78 8.69 9.74
CA VAL D 102 -8.90 9.13 10.82
C VAL D 102 -7.44 8.97 10.42
N ALA D 103 -7.08 7.77 9.92
CA ALA D 103 -5.70 7.57 9.50
C ALA D 103 -5.31 8.53 8.37
N LEU D 104 -6.19 8.71 7.40
CA LEU D 104 -5.91 9.64 6.30
C LEU D 104 -5.68 11.05 6.82
N PHE D 105 -6.43 11.44 7.86
CA PHE D 105 -6.20 12.76 8.44
C PHE D 105 -4.88 12.83 9.16
N GLU D 106 -4.42 11.73 9.76
CA GLU D 106 -3.06 11.70 10.28
C GLU D 106 -2.05 12.01 9.17
N ASP D 107 -2.09 11.25 8.07
CA ASP D 107 -1.11 11.50 7.01
C ASP D 107 -1.23 12.92 6.47
N THR D 108 -2.45 13.38 6.21
CA THR D 108 -2.70 14.75 5.78
C THR D 108 -2.05 15.77 6.71
N ASN D 109 -2.21 15.55 8.02
CA ASN D 109 -1.59 16.43 9.00
C ASN D 109 -0.08 16.44 8.82
N LEU D 110 0.52 15.27 8.59
CA LEU D 110 1.97 15.25 8.38
C LEU D 110 2.38 16.02 7.13
N CYS D 111 1.59 15.94 6.06
CA CYS D 111 1.94 16.73 4.88
C CYS D 111 1.86 18.23 5.18
N ALA D 112 0.78 18.68 5.81
CA ALA D 112 0.67 20.08 6.19
C ALA D 112 1.87 20.54 7.01
N ILE D 113 2.21 19.79 8.07
CA ILE D 113 3.38 20.14 8.88
C ILE D 113 4.62 20.19 8.01
N HIS D 114 4.70 19.27 7.05
CA HIS D 114 5.80 19.28 6.10
C HIS D 114 5.90 20.61 5.36
N ALA D 115 4.77 21.22 5.02
CA ALA D 115 4.79 22.54 4.39
C ALA D 115 4.80 23.67 5.42
N LYS D 116 5.44 23.44 6.56
CA LYS D 116 5.56 24.44 7.62
C LYS D 116 4.20 25.03 8.02
N ARG D 117 3.11 24.28 7.81
CA ARG D 117 1.77 24.79 8.05
C ARG D 117 1.12 24.06 9.23
N VAL D 118 0.13 24.72 9.81
CA VAL D 118 -0.68 24.13 10.87
C VAL D 118 -2.07 23.74 10.39
N THR D 119 -2.48 24.21 9.21
CA THR D 119 -3.81 24.00 8.67
C THR D 119 -3.77 22.96 7.57
N ILE D 120 -4.65 21.95 7.65
CA ILE D 120 -4.73 20.96 6.57
C ILE D 120 -5.53 21.54 5.42
N MET D 121 -5.12 21.19 4.22
CA MET D 121 -5.70 21.71 2.99
C MET D 121 -5.89 20.56 2.01
N PRO D 122 -6.80 20.72 1.04
CA PRO D 122 -7.03 19.64 0.08
C PRO D 122 -5.76 19.13 -0.57
N LYS D 123 -4.76 19.99 -0.78
CA LYS D 123 -3.49 19.53 -1.37
C LYS D 123 -2.77 18.54 -0.46
N ASP D 124 -2.90 18.67 0.86
CA ASP D 124 -2.32 17.68 1.76
C ASP D 124 -2.99 16.33 1.59
N ILE D 125 -4.33 16.31 1.52
CA ILE D 125 -5.04 15.07 1.26
C ILE D 125 -4.59 14.47 -0.07
N GLN D 126 -4.54 15.29 -1.12
CA GLN D 126 -4.18 14.77 -2.43
C GLN D 126 -2.76 14.23 -2.46
N LEU D 127 -1.84 14.89 -1.75
CA LEU D 127 -0.48 14.36 -1.65
C LEU D 127 -0.46 13.04 -0.90
N ALA D 128 -1.17 12.99 0.22
CA ALA D 128 -1.30 11.75 0.99
C ALA D 128 -1.77 10.60 0.12
N ARG D 129 -2.91 10.79 -0.56
CA ARG D 129 -3.48 9.71 -1.36
C ARG D 129 -2.58 9.34 -2.52
N ARG D 130 -1.95 10.36 -3.15
CA ARG D 130 -0.97 10.10 -4.20
C ARG D 130 0.10 9.14 -3.71
N ILE D 131 0.63 9.38 -2.52
CA ILE D 131 1.71 8.56 -1.99
C ILE D 131 1.20 7.18 -1.59
N ARG D 132 0.03 7.14 -0.95
CA ARG D 132 -0.62 5.88 -0.61
C ARG D 132 -0.89 5.00 -1.82
N GLY D 133 -0.84 5.57 -3.02
CA GLY D 133 -1.14 4.81 -4.22
C GLY D 133 -2.62 4.70 -4.53
N GLU D 134 -3.46 5.47 -3.85
CA GLU D 134 -4.88 5.52 -4.20
C GLU D 134 -5.09 6.44 -5.39
N ARG D 135 -4.59 7.67 -5.30
CA ARG D 135 -4.58 8.59 -6.43
C ARG D 135 -3.45 8.22 -7.39
N ALA D 136 -3.57 8.70 -8.62
CA ALA D 136 -2.53 8.45 -9.61
C ALA D 136 -1.60 9.65 -9.74
N LYS E 21 -35.07 6.89 -12.06
CA LYS E 21 -34.84 8.19 -11.42
C LYS E 21 -33.43 8.25 -10.87
N VAL E 22 -32.89 9.46 -10.71
CA VAL E 22 -31.50 9.63 -10.29
C VAL E 22 -31.45 9.97 -8.80
N LEU E 23 -30.58 9.28 -8.07
CA LEU E 23 -30.41 9.48 -6.64
C LEU E 23 -29.29 10.47 -6.39
N ARG E 24 -29.47 11.30 -5.36
CA ARG E 24 -28.48 12.29 -4.97
C ARG E 24 -28.87 12.81 -3.59
N ASP E 25 -28.08 13.77 -3.10
CA ASP E 25 -28.32 14.56 -1.89
C ASP E 25 -28.55 13.69 -0.65
N ASN E 26 -27.41 13.05 -0.21
CA ASN E 26 -27.17 12.27 1.01
C ASN E 26 -25.74 12.45 1.52
N ILE E 27 -24.73 12.55 0.64
CA ILE E 27 -23.37 12.80 1.06
C ILE E 27 -23.29 14.02 1.99
N GLN E 28 -24.10 15.06 1.77
CA GLN E 28 -24.02 16.24 2.66
C GLN E 28 -24.51 15.91 4.07
N GLY E 29 -25.07 14.71 4.27
CA GLY E 29 -25.37 14.23 5.61
C GLY E 29 -24.14 13.91 6.41
N ILE E 30 -22.99 13.81 5.74
CA ILE E 30 -21.69 13.77 6.41
C ILE E 30 -21.32 15.23 6.62
N THR E 31 -21.62 15.72 7.82
CA THR E 31 -21.63 17.15 8.08
C THR E 31 -20.24 17.68 8.41
N LYS E 32 -20.16 19.01 8.44
CA LYS E 32 -18.95 19.71 8.83
C LYS E 32 -18.49 19.34 10.24
N PRO E 33 -19.32 19.43 11.30
CA PRO E 33 -18.83 19.02 12.62
C PRO E 33 -18.40 17.56 12.70
N ALA E 34 -18.98 16.68 11.88
CA ALA E 34 -18.55 15.28 11.86
C ALA E 34 -17.16 15.13 11.26
N ILE E 35 -16.93 15.79 10.14
CA ILE E 35 -15.60 15.77 9.55
C ILE E 35 -14.63 16.39 10.52
N ARG E 36 -15.08 17.39 11.29
CA ARG E 36 -14.22 18.05 12.25
C ARG E 36 -13.82 17.08 13.35
N ARG E 37 -14.78 16.35 13.89
CA ARG E 37 -14.48 15.35 14.92
C ARG E 37 -13.48 14.31 14.40
N LEU E 38 -13.66 13.88 13.15
CA LEU E 38 -12.71 12.92 12.58
C LEU E 38 -11.32 13.52 12.50
N ALA E 39 -11.21 14.76 12.00
CA ALA E 39 -9.91 15.42 11.93
C ALA E 39 -9.28 15.54 13.30
N ARG E 40 -10.07 15.86 14.32
CA ARG E 40 -9.53 15.98 15.67
C ARG E 40 -8.92 14.67 16.14
N ARG E 41 -9.67 13.56 16.01
CA ARG E 41 -9.08 12.26 16.33
C ARG E 41 -7.84 11.96 15.51
N GLY E 42 -7.70 12.57 14.34
CA GLY E 42 -6.50 12.46 13.52
C GLY E 42 -5.41 13.41 13.92
N GLY E 43 -5.66 14.27 14.89
CA GLY E 43 -4.67 15.19 15.42
C GLY E 43 -4.57 16.50 14.71
N VAL E 44 -5.57 16.89 13.94
CA VAL E 44 -5.55 18.12 13.16
C VAL E 44 -6.05 19.28 13.99
N LYS E 45 -5.26 20.36 14.03
CA LYS E 45 -5.60 21.53 14.83
C LYS E 45 -6.46 22.52 14.05
N ARG E 46 -6.08 22.81 12.80
CA ARG E 46 -6.72 23.85 12.00
C ARG E 46 -7.13 23.27 10.65
N ILE E 47 -8.34 23.60 10.21
CA ILE E 47 -8.94 22.98 9.04
C ILE E 47 -9.41 24.03 8.04
N SER E 48 -8.84 23.99 6.84
CA SER E 48 -9.25 24.86 5.75
C SER E 48 -10.74 24.69 5.44
N GLY E 49 -11.33 25.71 4.83
CA GLY E 49 -12.75 25.66 4.52
C GLY E 49 -13.08 24.69 3.39
N LEU E 50 -12.13 24.47 2.48
CA LEU E 50 -12.35 23.60 1.33
C LEU E 50 -12.17 22.12 1.67
N ILE E 51 -11.74 21.79 2.88
CA ILE E 51 -11.52 20.40 3.28
C ILE E 51 -12.81 19.59 3.34
N TYR E 52 -13.92 20.20 3.73
CA TYR E 52 -15.13 19.44 4.01
C TYR E 52 -15.68 18.77 2.75
N GLU E 53 -15.80 19.53 1.66
CA GLU E 53 -16.26 18.90 0.43
C GLU E 53 -15.24 17.92 -0.09
N GLU E 54 -13.95 18.20 0.12
CA GLU E 54 -12.93 17.27 -0.35
C GLU E 54 -13.07 15.96 0.39
N THR E 55 -13.40 16.04 1.68
CA THR E 55 -13.50 14.81 2.44
C THR E 55 -14.77 14.07 2.06
N ARG E 56 -15.78 14.80 1.57
CA ARG E 56 -16.97 14.12 1.09
C ARG E 56 -16.68 13.31 -0.15
N GLY E 57 -15.88 13.84 -1.08
CA GLY E 57 -15.57 13.07 -2.26
C GLY E 57 -14.71 11.86 -1.97
N VAL E 58 -13.69 12.04 -1.12
CA VAL E 58 -12.82 10.92 -0.76
C VAL E 58 -13.64 9.80 -0.14
N LEU E 59 -14.49 10.15 0.83
CA LEU E 59 -15.30 9.14 1.50
C LEU E 59 -16.26 8.48 0.53
N LYS E 60 -16.75 9.23 -0.47
CA LYS E 60 -17.59 8.58 -1.47
C LYS E 60 -16.82 7.52 -2.24
N VAL E 61 -15.64 7.89 -2.75
CA VAL E 61 -14.84 6.93 -3.52
C VAL E 61 -14.55 5.68 -2.70
N PHE E 62 -14.14 5.88 -1.44
CA PHE E 62 -13.86 4.76 -0.56
C PHE E 62 -15.06 3.84 -0.43
N LEU E 63 -16.21 4.40 -0.04
CA LEU E 63 -17.40 3.59 0.09
C LEU E 63 -17.77 2.93 -1.22
N GLU E 64 -17.65 3.67 -2.33
CA GLU E 64 -17.92 3.07 -3.62
C GLU E 64 -17.12 1.80 -3.81
N ASN E 65 -15.79 1.92 -3.66
CA ASN E 65 -14.91 0.81 -3.94
C ASN E 65 -15.26 -0.36 -3.06
N VAL E 66 -15.57 -0.08 -1.80
CA VAL E 66 -15.87 -1.17 -0.89
C VAL E 66 -17.24 -1.75 -1.13
N ILE E 67 -18.27 -0.91 -1.27
CA ILE E 67 -19.62 -1.42 -1.46
C ILE E 67 -19.75 -2.17 -2.77
N ARG E 68 -19.07 -1.70 -3.82
CA ARG E 68 -19.09 -2.42 -5.07
C ARG E 68 -18.65 -3.86 -4.84
N ASP E 69 -17.50 -4.04 -4.20
CA ASP E 69 -17.00 -5.39 -4.00
C ASP E 69 -17.95 -6.17 -3.11
N ALA E 70 -18.47 -5.51 -2.07
CA ALA E 70 -19.40 -6.18 -1.18
C ALA E 70 -20.58 -6.71 -1.96
N VAL E 71 -21.14 -5.88 -2.84
CA VAL E 71 -22.30 -6.31 -3.60
C VAL E 71 -21.94 -7.43 -4.55
N THR E 72 -20.78 -7.36 -5.20
CA THR E 72 -20.35 -8.48 -6.03
C THR E 72 -20.41 -9.79 -5.24
N TYR E 73 -20.00 -9.74 -3.97
CA TYR E 73 -20.07 -10.94 -3.14
C TYR E 73 -21.51 -11.36 -2.86
N THR E 74 -22.37 -10.41 -2.46
CA THR E 74 -23.78 -10.75 -2.24
C THR E 74 -24.39 -11.39 -3.48
N GLU E 75 -24.22 -10.74 -4.63
CA GLU E 75 -24.73 -11.29 -5.89
C GLU E 75 -24.33 -12.75 -6.02
N HIS E 76 -23.04 -13.05 -5.81
CA HIS E 76 -22.56 -14.40 -6.07
C HIS E 76 -23.18 -15.40 -5.11
N ALA E 77 -23.56 -14.94 -3.91
CA ALA E 77 -24.24 -15.81 -2.96
C ALA E 77 -25.73 -15.90 -3.25
N LYS E 78 -26.19 -15.21 -4.29
CA LYS E 78 -27.60 -15.18 -4.69
C LYS E 78 -28.47 -14.74 -3.53
N ARG E 79 -28.09 -13.59 -2.96
CA ARG E 79 -28.83 -13.00 -1.85
C ARG E 79 -29.27 -11.60 -2.22
N LYS E 80 -30.23 -11.09 -1.44
CA LYS E 80 -30.73 -9.74 -1.56
C LYS E 80 -30.31 -8.89 -0.36
N THR E 81 -29.66 -9.51 0.62
CA THR E 81 -29.22 -8.83 1.82
C THR E 81 -27.70 -8.87 1.88
N VAL E 82 -27.08 -7.70 1.95
CA VAL E 82 -25.64 -7.61 2.11
C VAL E 82 -25.29 -7.94 3.55
N THR E 83 -24.47 -8.98 3.74
CA THR E 83 -24.07 -9.42 5.07
C THR E 83 -22.78 -8.72 5.49
N ALA E 84 -22.60 -8.64 6.81
CA ALA E 84 -21.35 -8.14 7.35
C ALA E 84 -20.16 -8.90 6.77
N MET E 85 -20.34 -10.19 6.49
CA MET E 85 -19.26 -11.00 5.90
C MET E 85 -18.90 -10.51 4.50
N ASP E 86 -19.88 -10.10 3.71
CA ASP E 86 -19.59 -9.55 2.39
C ASP E 86 -18.70 -8.32 2.51
N VAL E 87 -19.02 -7.44 3.45
CA VAL E 87 -18.23 -6.23 3.71
C VAL E 87 -16.83 -6.60 4.19
N VAL E 88 -16.73 -7.47 5.20
CA VAL E 88 -15.43 -7.94 5.68
C VAL E 88 -14.57 -8.51 4.56
N TYR E 89 -15.15 -9.38 3.73
CA TYR E 89 -14.43 -9.91 2.57
C TYR E 89 -13.99 -8.81 1.61
N ALA E 90 -14.80 -7.76 1.45
CA ALA E 90 -14.43 -6.70 0.52
C ALA E 90 -13.33 -5.82 1.08
N LEU E 91 -13.47 -5.39 2.33
CA LEU E 91 -12.40 -4.69 3.03
C LEU E 91 -11.09 -5.46 2.92
N LYS E 92 -11.13 -6.75 3.21
CA LYS E 92 -9.94 -7.60 3.08
C LYS E 92 -9.40 -7.54 1.67
N ARG E 93 -10.29 -7.69 0.68
CA ARG E 93 -9.90 -7.56 -0.72
C ARG E 93 -9.10 -6.29 -0.97
N GLN E 94 -9.50 -5.19 -0.34
CA GLN E 94 -8.95 -3.87 -0.59
C GLN E 94 -7.74 -3.56 0.26
N GLY E 95 -7.29 -4.52 1.06
CA GLY E 95 -6.17 -4.31 1.95
C GLY E 95 -6.51 -3.46 3.16
N ARG E 96 -7.74 -3.59 3.65
CA ARG E 96 -8.24 -2.81 4.79
C ARG E 96 -8.93 -3.74 5.79
N THR E 97 -8.30 -4.89 6.07
CA THR E 97 -8.83 -5.92 6.96
C THR E 97 -9.42 -5.32 8.23
N LEU E 98 -10.57 -5.86 8.64
CA LEU E 98 -11.30 -5.37 9.80
C LEU E 98 -11.60 -6.53 10.74
N TYR E 99 -11.22 -6.35 12.01
CA TYR E 99 -11.42 -7.33 13.06
C TYR E 99 -12.66 -6.99 13.87
N GLY E 100 -13.46 -8.00 14.18
CA GLY E 100 -14.55 -7.82 15.10
C GLY E 100 -15.91 -7.93 14.48
N PHE E 101 -16.00 -8.45 13.27
CA PHE E 101 -17.28 -8.51 12.59
C PHE E 101 -17.46 -9.85 11.91
N GLY E 102 -16.54 -10.78 12.12
CA GLY E 102 -16.66 -12.10 11.53
C GLY E 102 -15.42 -12.53 10.79
N GLY E 103 -14.36 -11.73 10.89
CA GLY E 103 -13.05 -12.09 10.36
C GLY E 103 -12.72 -13.56 10.45
N ALA F 14 -12.08 -31.18 -34.45
CA ALA F 14 -11.72 -30.52 -33.21
C ALA F 14 -11.34 -31.47 -32.08
N LYS F 15 -10.06 -31.78 -31.91
CA LYS F 15 -9.72 -32.64 -30.80
C LYS F 15 -9.39 -31.83 -29.55
N THR F 16 -8.67 -30.71 -29.69
CA THR F 16 -8.26 -29.95 -28.52
C THR F 16 -9.43 -29.20 -27.90
N ARG F 17 -9.33 -28.95 -26.59
CA ARG F 17 -10.33 -28.17 -25.88
C ARG F 17 -10.19 -26.69 -26.18
N SER F 18 -9.04 -26.29 -26.72
CA SER F 18 -8.85 -24.91 -27.14
C SER F 18 -9.68 -24.65 -28.38
N SER F 19 -9.57 -25.54 -29.35
CA SER F 19 -10.36 -25.52 -30.56
C SER F 19 -11.85 -25.47 -30.28
N ARG F 20 -12.35 -26.42 -29.48
CA ARG F 20 -13.76 -26.44 -29.08
C ARG F 20 -14.23 -25.12 -28.48
N ALA F 21 -13.31 -24.32 -27.93
CA ALA F 21 -13.59 -23.03 -27.30
C ALA F 21 -13.27 -21.83 -28.20
N GLY F 22 -12.52 -22.06 -29.28
CA GLY F 22 -12.05 -21.01 -30.15
C GLY F 22 -11.04 -20.13 -29.49
N LEU F 23 -10.08 -20.76 -28.83
CA LEU F 23 -9.04 -20.05 -28.14
C LEU F 23 -7.67 -20.40 -28.71
N GLN F 24 -6.72 -19.46 -28.53
CA GLN F 24 -5.31 -19.71 -28.81
C GLN F 24 -4.57 -20.23 -27.59
N PHE F 25 -5.14 -19.97 -26.29
CA PHE F 25 -4.60 -20.33 -24.97
C PHE F 25 -5.06 -21.74 -24.59
N PRO F 26 -4.17 -22.48 -23.93
CA PRO F 26 -4.38 -23.93 -23.73
C PRO F 26 -5.32 -24.29 -22.60
N VAL F 27 -6.53 -24.72 -22.94
CA VAL F 27 -7.50 -24.98 -21.89
C VAL F 27 -7.06 -26.17 -21.07
N GLY F 28 -6.41 -27.15 -21.68
CA GLY F 28 -5.95 -28.35 -20.99
C GLY F 28 -4.92 -28.04 -19.91
N ARG F 29 -3.83 -27.38 -20.32
CA ARG F 29 -2.82 -26.96 -19.37
C ARG F 29 -3.40 -26.09 -18.25
N VAL F 30 -4.34 -25.20 -18.59
CA VAL F 30 -4.96 -24.38 -17.55
C VAL F 30 -5.79 -25.21 -16.60
N HIS F 31 -6.44 -26.27 -17.09
CA HIS F 31 -7.19 -27.17 -16.23
C HIS F 31 -6.24 -27.94 -15.31
N ARG F 32 -5.11 -28.39 -15.88
CA ARG F 32 -4.06 -29.04 -15.11
C ARG F 32 -3.61 -28.15 -13.96
N LEU F 33 -3.14 -26.95 -14.28
CA LEU F 33 -2.68 -26.01 -13.26
C LEU F 33 -3.75 -25.72 -12.21
N LEU F 34 -5.03 -25.64 -12.61
CA LEU F 34 -6.05 -25.39 -11.60
C LEU F 34 -6.22 -26.56 -10.65
N ARG F 35 -6.02 -27.79 -11.14
CA ARG F 35 -6.08 -28.95 -10.24
C ARG F 35 -4.83 -29.09 -9.37
N LYS F 36 -3.64 -29.02 -9.98
CA LYS F 36 -2.37 -29.13 -9.26
C LYS F 36 -2.03 -27.86 -8.49
N GLY F 37 -3.02 -27.16 -7.94
CA GLY F 37 -2.76 -25.85 -7.40
C GLY F 37 -3.46 -25.62 -6.09
N ASN F 38 -4.23 -26.63 -5.67
CA ASN F 38 -4.96 -26.61 -4.40
C ASN F 38 -5.80 -25.34 -4.30
N TYR F 39 -6.69 -25.20 -5.26
CA TYR F 39 -7.64 -24.10 -5.25
C TYR F 39 -8.99 -24.53 -4.70
N ALA F 40 -9.42 -25.73 -5.06
CA ALA F 40 -10.61 -26.35 -4.50
C ALA F 40 -10.48 -27.84 -4.76
N GLU F 41 -11.31 -28.63 -4.07
CA GLU F 41 -11.34 -30.07 -4.31
C GLU F 41 -11.49 -30.36 -5.79
N ARG F 42 -12.52 -29.79 -6.39
CA ARG F 42 -12.94 -30.10 -7.74
C ARG F 42 -12.95 -28.84 -8.59
N VAL F 43 -12.54 -28.98 -9.85
CA VAL F 43 -12.53 -27.88 -10.81
C VAL F 43 -13.51 -28.20 -11.93
N GLY F 44 -14.52 -27.33 -12.08
CA GLY F 44 -15.50 -27.49 -13.14
C GLY F 44 -14.89 -27.46 -14.53
N ALA F 45 -15.68 -27.94 -15.50
CA ALA F 45 -15.20 -28.04 -16.87
C ALA F 45 -15.13 -26.68 -17.56
N GLY F 46 -15.97 -25.72 -17.13
CA GLY F 46 -15.95 -24.39 -17.72
C GLY F 46 -14.84 -23.50 -17.23
N ALA F 47 -14.44 -23.65 -15.99
CA ALA F 47 -13.38 -22.85 -15.37
C ALA F 47 -12.13 -22.67 -16.24
N PRO F 48 -11.43 -23.75 -16.67
CA PRO F 48 -10.22 -23.51 -17.49
C PRO F 48 -10.53 -22.73 -18.75
N VAL F 49 -11.71 -22.94 -19.34
CA VAL F 49 -12.08 -22.29 -20.59
C VAL F 49 -12.21 -20.79 -20.39
N TYR F 50 -13.09 -20.39 -19.47
CA TYR F 50 -13.22 -19.00 -19.05
C TYR F 50 -11.86 -18.38 -18.74
N LEU F 51 -11.12 -19.00 -17.82
CA LEU F 51 -9.83 -18.46 -17.41
C LEU F 51 -8.85 -18.33 -18.59
N ALA F 52 -8.77 -19.36 -19.45
CA ALA F 52 -7.82 -19.31 -20.55
C ALA F 52 -8.18 -18.21 -21.51
N ALA F 53 -9.45 -17.85 -21.50
CA ALA F 53 -9.98 -16.86 -22.41
C ALA F 53 -9.74 -15.46 -21.87
N VAL F 54 -10.10 -15.20 -20.61
CA VAL F 54 -9.64 -14.01 -19.91
C VAL F 54 -8.12 -13.79 -20.08
N LEU F 55 -7.31 -14.80 -19.76
CA LEU F 55 -5.85 -14.69 -19.96
C LEU F 55 -5.52 -14.26 -21.38
N GLU F 56 -6.21 -14.84 -22.36
CA GLU F 56 -5.98 -14.47 -23.75
C GLU F 56 -6.36 -13.02 -24.02
N TYR F 57 -7.53 -12.59 -23.52
CA TYR F 57 -7.97 -11.20 -23.68
C TYR F 57 -6.96 -10.22 -23.13
N LEU F 58 -6.52 -10.43 -21.89
CA LEU F 58 -5.57 -9.47 -21.32
C LEU F 58 -4.27 -9.51 -22.10
N THR F 59 -3.81 -10.71 -22.46
CA THR F 59 -2.62 -10.85 -23.29
C THR F 59 -2.72 -9.96 -24.53
N ALA F 60 -3.77 -10.14 -25.32
CA ALA F 60 -3.97 -9.35 -26.54
C ALA F 60 -4.04 -7.87 -26.28
N GLU F 61 -4.76 -7.49 -25.22
CA GLU F 61 -4.81 -6.08 -24.81
C GLU F 61 -3.41 -5.50 -24.63
N ILE F 62 -2.51 -6.24 -23.98
CA ILE F 62 -1.19 -5.66 -23.71
C ILE F 62 -0.30 -5.68 -24.96
N LEU F 63 -0.30 -6.79 -25.68
CA LEU F 63 0.43 -6.85 -26.95
C LEU F 63 0.00 -5.79 -27.95
N GLU F 64 -1.30 -5.56 -28.10
CA GLU F 64 -1.79 -4.44 -28.91
C GLU F 64 -1.02 -3.16 -28.59
N LEU F 65 -1.03 -2.78 -27.32
CA LEU F 65 -0.55 -1.45 -26.95
C LEU F 65 0.96 -1.39 -27.02
N ALA F 66 1.61 -2.55 -27.02
CA ALA F 66 3.06 -2.62 -26.93
C ALA F 66 3.68 -2.83 -28.30
N GLY F 67 2.98 -3.51 -29.20
CA GLY F 67 3.28 -3.38 -30.61
C GLY F 67 3.13 -1.94 -31.11
N ASN F 68 2.11 -1.23 -30.64
CA ASN F 68 1.96 0.20 -30.97
C ASN F 68 3.14 1.01 -30.46
N ALA F 69 3.45 0.92 -29.16
CA ALA F 69 4.65 1.55 -28.63
C ALA F 69 5.88 1.24 -29.49
N ALA F 70 6.10 -0.06 -29.79
CA ALA F 70 7.26 -0.48 -30.59
C ALA F 70 7.31 0.27 -31.92
N ARG F 71 6.16 0.37 -32.59
CA ARG F 71 6.10 1.05 -33.88
C ARG F 71 6.38 2.55 -33.74
N ASP F 72 5.78 3.21 -32.73
CA ASP F 72 6.14 4.60 -32.45
C ASP F 72 7.64 4.77 -32.30
N ASN F 73 8.33 3.75 -31.84
CA ASN F 73 9.75 3.83 -31.56
C ASN F 73 10.58 3.31 -32.74
N LYS F 74 9.92 2.96 -33.85
CA LYS F 74 10.58 2.54 -35.09
C LYS F 74 11.14 1.13 -34.99
N LYS F 75 10.49 0.26 -34.24
CA LYS F 75 11.04 -1.07 -33.95
C LYS F 75 10.09 -2.19 -34.36
N THR F 76 10.70 -3.27 -34.84
CA THR F 76 9.98 -4.47 -35.23
C THR F 76 9.66 -5.33 -34.02
N ARG F 77 10.38 -5.15 -32.91
CA ARG F 77 10.32 -6.04 -31.76
C ARG F 77 9.86 -5.34 -30.49
N ILE F 78 8.89 -5.93 -29.82
CA ILE F 78 8.51 -5.50 -28.47
C ILE F 78 9.67 -5.85 -27.53
N ILE F 79 10.29 -4.83 -26.97
CA ILE F 79 11.22 -5.00 -25.86
C ILE F 79 10.48 -4.59 -24.59
N PRO F 80 11.00 -4.86 -23.40
CA PRO F 80 10.17 -4.63 -22.21
C PRO F 80 9.81 -3.18 -22.00
N ARG F 81 10.59 -2.24 -22.52
CA ARG F 81 10.18 -0.85 -22.39
C ARG F 81 8.89 -0.56 -23.10
N HIS F 82 8.62 -1.28 -24.19
CA HIS F 82 7.37 -1.08 -24.90
C HIS F 82 6.22 -1.58 -24.07
N LEU F 83 6.46 -2.63 -23.29
CA LEU F 83 5.44 -3.14 -22.40
C LEU F 83 5.17 -2.16 -21.28
N GLN F 84 6.17 -1.36 -20.92
CA GLN F 84 6.08 -0.49 -19.77
C GLN F 84 5.38 0.80 -20.18
N LEU F 85 5.85 1.43 -21.26
CA LEU F 85 5.12 2.49 -21.95
C LEU F 85 3.64 2.14 -22.12
N ALA F 86 3.38 0.96 -22.71
CA ALA F 86 2.02 0.44 -22.83
C ALA F 86 1.26 0.43 -21.51
N VAL F 87 1.81 -0.23 -20.49
CA VAL F 87 1.03 -0.46 -19.28
C VAL F 87 0.78 0.84 -18.54
N ARG F 88 1.77 1.70 -18.50
CA ARG F 88 1.73 2.88 -17.65
C ARG F 88 1.02 4.04 -18.33
N ASN F 89 0.88 4.00 -19.66
CA ASN F 89 0.02 4.98 -20.32
C ASN F 89 -1.46 4.58 -20.33
N ASP F 90 -1.79 3.29 -20.21
CA ASP F 90 -3.17 2.87 -20.05
C ASP F 90 -3.56 2.89 -18.58
N GLU F 91 -4.56 3.70 -18.24
CA GLU F 91 -5.05 3.82 -16.88
C GLU F 91 -5.34 2.45 -16.25
N GLU F 92 -6.06 1.60 -16.99
CA GLU F 92 -6.57 0.37 -16.39
C GLU F 92 -5.49 -0.70 -16.33
N LEU F 93 -4.63 -0.79 -17.34
CA LEU F 93 -3.47 -1.66 -17.23
C LEU F 93 -2.55 -1.17 -16.13
N ASN F 94 -2.34 0.15 -16.08
CA ASN F 94 -1.54 0.74 -15.02
C ASN F 94 -2.05 0.31 -13.66
N LYS F 95 -3.37 0.18 -13.51
CA LYS F 95 -3.90 -0.15 -12.20
C LYS F 95 -3.80 -1.65 -11.93
N LEU F 96 -4.17 -2.48 -12.89
CA LEU F 96 -4.02 -3.92 -12.73
C LEU F 96 -2.59 -4.26 -12.31
N LEU F 97 -1.60 -3.60 -12.89
CA LEU F 97 -0.19 -3.82 -12.55
C LEU F 97 0.38 -2.74 -11.65
N GLY F 98 -0.38 -2.27 -10.66
CA GLY F 98 0.04 -1.11 -9.90
C GLY F 98 1.08 -1.42 -8.85
N ARG F 99 1.15 -2.68 -8.42
CA ARG F 99 2.17 -3.18 -7.52
C ARG F 99 3.10 -4.12 -8.25
N VAL F 100 3.41 -3.79 -9.48
CA VAL F 100 4.22 -4.64 -10.32
C VAL F 100 5.38 -3.83 -10.88
N THR F 101 6.50 -4.50 -11.15
CA THR F 101 7.72 -3.86 -11.61
C THR F 101 8.19 -4.61 -12.83
N ILE F 102 8.41 -3.87 -13.92
CA ILE F 102 8.58 -4.49 -15.23
C ILE F 102 10.07 -4.30 -15.48
N ALA F 103 10.85 -5.37 -15.26
CA ALA F 103 12.30 -5.32 -15.49
C ALA F 103 12.61 -4.48 -16.70
N GLN F 104 13.61 -3.62 -16.60
CA GLN F 104 14.17 -3.01 -17.80
C GLN F 104 13.11 -2.19 -18.55
N GLY F 105 12.15 -1.60 -17.83
CA GLY F 105 11.15 -0.83 -18.52
C GLY F 105 11.19 0.66 -18.30
N GLY F 106 11.91 1.12 -17.28
CA GLY F 106 12.09 2.55 -17.12
C GLY F 106 10.87 3.23 -16.54
N VAL F 107 10.79 4.54 -16.77
CA VAL F 107 9.67 5.35 -16.31
C VAL F 107 9.12 6.14 -17.49
N LEU F 108 7.93 6.74 -17.26
CA LEU F 108 7.36 7.70 -18.21
C LEU F 108 8.05 9.06 -18.05
N PRO F 109 8.39 9.70 -19.15
CA PRO F 109 8.85 11.10 -19.09
C PRO F 109 7.82 12.03 -18.45
N ASN F 110 8.18 12.59 -17.29
CA ASN F 110 7.30 13.49 -16.55
C ASN F 110 8.17 14.42 -15.70
N ILE F 111 8.37 15.65 -16.18
CA ILE F 111 9.02 16.69 -15.40
C ILE F 111 7.97 17.60 -14.76
N GLN F 112 8.12 17.84 -13.46
CA GLN F 112 7.20 18.72 -12.73
C GLN F 112 7.30 20.17 -13.21
N SER F 113 6.13 20.82 -13.24
CA SER F 113 6.01 22.17 -13.81
C SER F 113 6.94 23.18 -13.14
N VAL F 114 6.86 23.30 -11.81
CA VAL F 114 7.69 24.26 -11.07
C VAL F 114 9.19 24.08 -11.34
N LEU F 115 9.59 22.95 -11.91
CA LEU F 115 10.99 22.70 -12.23
C LEU F 115 11.38 23.27 -13.58
N LEU F 116 10.39 23.62 -14.41
CA LEU F 116 10.62 24.23 -15.70
C LEU F 116 11.11 25.67 -15.56
N PRO F 117 12.12 26.08 -16.35
CA PRO F 117 12.55 27.48 -16.33
C PRO F 117 11.43 28.42 -16.77
N LYS F 118 11.32 29.55 -16.08
CA LYS F 118 10.39 30.61 -16.47
C LYS F 118 11.11 31.74 -17.23
N ARG G 27 20.65 -32.82 -21.75
CA ARG G 27 19.48 -32.39 -22.50
C ARG G 27 18.48 -31.80 -21.51
N LYS G 28 18.47 -30.47 -21.48
CA LYS G 28 17.98 -29.70 -20.33
C LYS G 28 16.51 -29.94 -20.02
N THR G 29 16.18 -29.74 -18.74
CA THR G 29 14.86 -29.99 -18.19
C THR G 29 13.79 -29.14 -18.83
N ARG G 30 12.68 -29.79 -19.17
CA ARG G 30 11.51 -29.16 -19.75
C ARG G 30 10.97 -28.06 -18.84
N LYS G 31 11.02 -26.80 -19.29
CA LYS G 31 10.49 -25.65 -18.56
C LYS G 31 9.30 -25.09 -19.33
N GLU G 32 8.10 -25.35 -18.82
CA GLU G 32 6.87 -24.87 -19.47
C GLU G 32 6.76 -23.35 -19.49
N SER G 33 6.03 -22.87 -20.49
CA SER G 33 5.97 -21.46 -20.84
C SER G 33 4.63 -21.19 -21.53
N TYR G 34 4.19 -19.95 -21.44
CA TYR G 34 3.08 -19.46 -22.26
C TYR G 34 3.58 -18.81 -23.54
N ALA G 35 4.88 -18.92 -23.80
CA ALA G 35 5.50 -18.27 -24.96
C ALA G 35 4.73 -18.52 -26.26
N ILE G 36 4.38 -19.77 -26.54
CA ILE G 36 3.84 -20.09 -27.87
C ILE G 36 2.49 -19.38 -28.08
N TYR G 37 1.66 -19.36 -27.05
CA TYR G 37 0.38 -18.65 -27.12
C TYR G 37 0.60 -17.15 -27.27
N VAL G 38 1.56 -16.60 -26.51
CA VAL G 38 1.79 -15.17 -26.55
C VAL G 38 2.20 -14.75 -27.95
N TYR G 39 3.08 -15.55 -28.59
CA TYR G 39 3.45 -15.33 -29.99
C TYR G 39 2.26 -15.44 -30.92
N LYS G 40 1.31 -16.33 -30.59
CA LYS G 40 0.12 -16.46 -31.43
C LYS G 40 -0.69 -15.17 -31.35
N VAL G 41 -1.28 -14.88 -30.19
CA VAL G 41 -2.00 -13.63 -29.97
C VAL G 41 -1.29 -12.44 -30.62
N LEU G 42 0.02 -12.31 -30.40
CA LEU G 42 0.78 -11.22 -31.00
C LEU G 42 0.79 -11.29 -32.52
N LYS G 43 0.64 -12.48 -33.09
CA LYS G 43 0.69 -12.53 -34.54
C LYS G 43 -0.67 -12.18 -35.13
N GLN G 44 -1.75 -12.55 -34.40
CA GLN G 44 -3.08 -12.08 -34.75
C GLN G 44 -3.17 -10.55 -34.71
N VAL G 45 -2.53 -9.93 -33.72
CA VAL G 45 -2.80 -8.53 -33.41
C VAL G 45 -1.74 -7.59 -34.01
N HIS G 46 -0.59 -8.13 -34.41
CA HIS G 46 0.49 -7.38 -35.04
C HIS G 46 1.32 -8.39 -35.80
N PRO G 47 0.96 -8.72 -37.04
CA PRO G 47 1.54 -9.92 -37.66
C PRO G 47 2.98 -9.72 -38.09
N ASP G 48 3.48 -8.49 -38.09
CA ASP G 48 4.86 -8.21 -38.43
C ASP G 48 5.71 -7.81 -37.22
N THR G 49 5.15 -7.84 -36.01
CA THR G 49 5.87 -7.45 -34.80
C THR G 49 6.52 -8.64 -34.08
N GLY G 50 7.78 -8.47 -33.64
CA GLY G 50 8.44 -9.43 -32.79
C GLY G 50 8.40 -9.13 -31.29
N ILE G 51 9.05 -10.02 -30.53
CA ILE G 51 9.18 -9.89 -29.07
C ILE G 51 10.52 -10.45 -28.59
N SER G 52 11.24 -9.67 -27.77
CA SER G 52 12.51 -10.10 -27.16
C SER G 52 12.31 -11.11 -26.02
N SER G 53 13.42 -11.78 -25.65
CA SER G 53 13.50 -12.59 -24.44
C SER G 53 12.87 -11.97 -23.21
N LYS G 54 13.34 -10.78 -22.83
CA LYS G 54 12.91 -10.19 -21.56
C LYS G 54 11.43 -9.84 -21.64
N ALA G 55 11.02 -9.16 -22.70
CA ALA G 55 9.62 -8.89 -22.96
C ALA G 55 8.75 -10.14 -22.77
N MET G 56 9.12 -11.25 -23.42
CA MET G 56 8.37 -12.49 -23.23
C MET G 56 8.41 -12.98 -21.78
N SER G 57 9.51 -12.74 -21.06
CA SER G 57 9.54 -13.14 -19.66
C SER G 57 8.52 -12.34 -18.86
N ILE G 58 8.47 -11.03 -19.09
CA ILE G 58 7.42 -10.20 -18.49
C ILE G 58 6.04 -10.69 -18.85
N MET G 59 5.77 -10.90 -20.15
CA MET G 59 4.47 -11.44 -20.55
C MET G 59 4.14 -12.73 -19.78
N ASN G 60 5.09 -13.65 -19.71
CA ASN G 60 4.90 -14.90 -18.96
C ASN G 60 4.61 -14.66 -17.49
N SER G 61 5.23 -13.63 -16.90
CA SER G 61 4.97 -13.34 -15.50
C SER G 61 3.61 -12.67 -15.32
N PHE G 62 3.22 -11.84 -16.29
CA PHE G 62 1.88 -11.27 -16.29
C PHE G 62 0.83 -12.38 -16.29
N VAL G 63 0.95 -13.33 -17.21
CA VAL G 63 -0.05 -14.39 -17.33
C VAL G 63 -0.10 -15.25 -16.08
N ASN G 64 1.06 -15.63 -15.56
CA ASN G 64 1.05 -16.35 -14.28
C ASN G 64 0.44 -15.52 -13.17
N ASP G 65 0.81 -14.25 -13.09
CA ASP G 65 0.34 -13.39 -12.00
C ASP G 65 -1.19 -13.33 -12.01
N VAL G 66 -1.77 -12.92 -13.14
CA VAL G 66 -3.22 -12.79 -13.24
C VAL G 66 -3.91 -14.13 -13.06
N PHE G 67 -3.33 -15.20 -13.62
CA PHE G 67 -3.81 -16.55 -13.32
C PHE G 67 -3.93 -16.78 -11.81
N GLU G 68 -2.85 -16.55 -11.05
CA GLU G 68 -2.89 -16.75 -9.61
C GLU G 68 -3.94 -15.86 -8.95
N ARG G 69 -4.05 -14.60 -9.38
CA ARG G 69 -4.98 -13.69 -8.73
C ARG G 69 -6.43 -14.12 -8.92
N ILE G 70 -6.78 -14.53 -10.15
CA ILE G 70 -8.16 -14.95 -10.40
C ILE G 70 -8.44 -16.27 -9.70
N ALA G 71 -7.57 -17.26 -9.91
CA ALA G 71 -7.74 -18.54 -9.23
C ALA G 71 -7.89 -18.36 -7.72
N GLY G 72 -7.04 -17.53 -7.13
CA GLY G 72 -7.14 -17.26 -5.70
C GLY G 72 -8.49 -16.70 -5.29
N GLU G 73 -8.96 -15.68 -6.01
CA GLU G 73 -10.24 -15.11 -5.63
C GLU G 73 -11.38 -16.09 -5.82
N ALA G 74 -11.31 -16.96 -6.82
CA ALA G 74 -12.33 -17.99 -7.00
C ALA G 74 -12.32 -18.97 -5.85
N SER G 75 -11.14 -19.49 -5.51
CA SER G 75 -10.98 -20.34 -4.34
C SER G 75 -11.63 -19.72 -3.11
N ARG G 76 -11.36 -18.44 -2.85
CA ARG G 76 -12.00 -17.77 -1.72
C ARG G 76 -13.52 -17.71 -1.86
N LEU G 77 -14.04 -17.39 -3.05
CA LEU G 77 -15.48 -17.38 -3.24
C LEU G 77 -16.13 -18.73 -2.92
N ALA G 78 -15.58 -19.80 -3.48
CA ALA G 78 -16.06 -21.15 -3.16
C ALA G 78 -16.06 -21.39 -1.66
N HIS G 79 -14.88 -21.26 -1.03
CA HIS G 79 -14.79 -21.43 0.42
C HIS G 79 -15.83 -20.60 1.16
N TYR G 80 -16.05 -19.35 0.74
CA TYR G 80 -16.99 -18.48 1.43
C TYR G 80 -18.41 -18.99 1.31
N ASN G 81 -18.71 -19.73 0.24
CA ASN G 81 -20.07 -20.19 0.02
C ASN G 81 -20.22 -21.68 0.32
N LYS G 82 -19.22 -22.28 0.96
CA LYS G 82 -19.21 -23.71 1.29
C LYS G 82 -19.37 -24.59 0.05
N ARG G 83 -18.76 -24.20 -1.05
CA ARG G 83 -18.75 -25.02 -2.26
C ARG G 83 -17.41 -25.72 -2.45
N SER G 84 -17.47 -26.95 -2.94
CA SER G 84 -16.29 -27.77 -3.14
C SER G 84 -15.71 -27.60 -4.55
N THR G 85 -16.40 -26.85 -5.40
CA THR G 85 -16.15 -26.78 -6.83
C THR G 85 -15.89 -25.34 -7.27
N ILE G 86 -14.88 -25.17 -8.12
CA ILE G 86 -14.64 -23.92 -8.82
C ILE G 86 -15.21 -24.08 -10.22
N THR G 87 -16.33 -23.38 -10.46
CA THR G 87 -17.01 -23.32 -11.74
C THR G 87 -16.75 -21.97 -12.41
N SER G 88 -16.90 -21.96 -13.73
CA SER G 88 -16.88 -20.72 -14.50
C SER G 88 -17.62 -19.56 -13.82
N ARG G 89 -18.64 -19.85 -13.01
CA ARG G 89 -19.29 -18.78 -12.25
C ARG G 89 -18.37 -18.16 -11.19
N GLU G 90 -17.46 -18.96 -10.64
CA GLU G 90 -16.51 -18.43 -9.67
C GLU G 90 -15.44 -17.63 -10.36
N ILE G 91 -14.87 -18.17 -11.44
CA ILE G 91 -13.99 -17.37 -12.29
C ILE G 91 -14.62 -16.05 -12.69
N GLN G 92 -15.89 -16.07 -13.08
CA GLN G 92 -16.57 -14.83 -13.52
C GLN G 92 -16.61 -13.79 -12.42
N THR G 93 -17.09 -14.18 -11.24
CA THR G 93 -17.10 -13.23 -10.14
C THR G 93 -15.69 -12.80 -9.76
N ALA G 94 -14.73 -13.73 -9.80
CA ALA G 94 -13.33 -13.38 -9.55
C ALA G 94 -12.88 -12.27 -10.49
N VAL G 95 -13.27 -12.37 -11.76
CA VAL G 95 -12.88 -11.37 -12.73
C VAL G 95 -13.54 -10.05 -12.42
N ARG G 96 -14.77 -10.08 -11.89
CA ARG G 96 -15.46 -8.83 -11.61
C ARG G 96 -14.88 -8.14 -10.38
N LEU G 97 -14.54 -8.89 -9.35
CA LEU G 97 -13.84 -8.28 -8.22
C LEU G 97 -12.44 -7.80 -8.57
N LEU G 98 -11.73 -8.56 -9.39
CA LEU G 98 -10.33 -8.25 -9.70
C LEU G 98 -10.03 -7.21 -10.78
N LEU G 99 -10.71 -7.26 -11.93
CA LEU G 99 -10.41 -6.33 -13.01
C LEU G 99 -11.13 -5.00 -12.84
N PRO G 100 -10.51 -3.93 -13.37
CA PRO G 100 -11.18 -2.63 -13.41
C PRO G 100 -12.19 -2.54 -14.55
N GLY G 101 -13.37 -2.02 -14.17
CA GLY G 101 -14.49 -1.67 -15.05
C GLY G 101 -14.55 -2.24 -16.44
N GLU G 102 -13.95 -1.50 -17.36
CA GLU G 102 -14.06 -1.84 -18.76
C GLU G 102 -13.34 -3.16 -19.05
N LEU G 103 -12.16 -3.37 -18.44
CA LEU G 103 -11.38 -4.57 -18.72
C LEU G 103 -12.17 -5.78 -18.26
N ALA G 104 -12.89 -5.63 -17.15
CA ALA G 104 -13.75 -6.69 -16.64
C ALA G 104 -14.86 -6.96 -17.64
N LYS G 105 -15.65 -5.94 -17.95
CA LYS G 105 -16.71 -6.06 -18.95
C LYS G 105 -16.28 -6.92 -20.13
N HIS G 106 -15.18 -6.51 -20.78
CA HIS G 106 -14.70 -7.24 -21.95
C HIS G 106 -14.25 -8.66 -21.61
N ALA G 107 -13.62 -8.86 -20.45
CA ALA G 107 -13.15 -10.21 -20.15
C ALA G 107 -14.31 -11.14 -19.86
N VAL G 108 -15.33 -10.62 -19.16
CA VAL G 108 -16.55 -11.37 -18.89
C VAL G 108 -17.24 -11.82 -20.18
N SER G 109 -17.49 -10.89 -21.12
CA SER G 109 -18.13 -11.31 -22.38
C SER G 109 -17.27 -12.30 -23.16
N GLU G 110 -15.94 -12.09 -23.18
CA GLU G 110 -15.06 -13.02 -23.90
C GLU G 110 -14.95 -14.38 -23.22
N GLY G 111 -15.34 -14.47 -21.95
CA GLY G 111 -15.29 -15.72 -21.21
C GLY G 111 -16.59 -16.47 -21.37
N THR G 112 -17.70 -15.77 -21.15
CA THR G 112 -19.02 -16.35 -21.38
C THR G 112 -19.15 -16.87 -22.81
N LYS G 113 -18.60 -16.13 -23.78
CA LYS G 113 -18.59 -16.58 -25.17
C LYS G 113 -17.88 -17.93 -25.31
N ALA G 114 -16.75 -18.08 -24.62
CA ALA G 114 -15.97 -19.31 -24.72
C ALA G 114 -16.71 -20.48 -24.07
N VAL G 115 -17.28 -20.25 -22.88
CA VAL G 115 -18.08 -21.27 -22.21
C VAL G 115 -19.27 -21.69 -23.05
N THR G 116 -20.04 -20.74 -23.58
CA THR G 116 -21.18 -21.08 -24.42
C THR G 116 -20.78 -22.00 -25.59
N LYS G 117 -19.82 -21.56 -26.37
CA LYS G 117 -19.28 -22.49 -27.34
C LYS G 117 -19.00 -23.83 -26.73
N TYR G 118 -18.10 -23.86 -25.75
CA TYR G 118 -17.54 -25.10 -25.30
C TYR G 118 -18.69 -26.02 -24.98
N THR G 119 -19.68 -25.48 -24.28
CA THR G 119 -20.81 -26.29 -23.85
C THR G 119 -21.55 -26.90 -25.05
N SER G 120 -21.74 -26.12 -26.13
CA SER G 120 -22.46 -26.73 -27.25
C SER G 120 -21.59 -27.70 -28.06
N ALA G 121 -20.30 -27.40 -28.23
CA ALA G 121 -19.44 -28.31 -28.97
C ALA G 121 -18.57 -29.15 -28.02
N PRO H 39 35.31 29.25 -20.19
CA PRO H 39 34.68 29.52 -21.48
C PRO H 39 33.17 29.65 -21.63
N HIS H 40 32.47 28.52 -21.59
CA HIS H 40 31.04 28.42 -21.44
C HIS H 40 30.59 27.67 -20.18
N ARG H 41 29.52 28.19 -19.56
CA ARG H 41 29.00 27.70 -18.27
C ARG H 41 27.47 27.77 -18.35
N TYR H 42 26.82 26.63 -18.13
CA TYR H 42 25.38 26.55 -18.01
C TYR H 42 24.92 26.91 -16.61
N ARG H 43 23.81 27.60 -16.59
CA ARG H 43 23.15 27.99 -15.35
C ARG H 43 22.69 26.78 -14.49
N PRO H 44 22.73 26.90 -13.15
CA PRO H 44 22.33 25.75 -12.30
C PRO H 44 20.81 25.42 -12.47
N GLY H 45 20.62 24.16 -12.84
CA GLY H 45 19.35 23.53 -13.13
C GLY H 45 19.26 23.07 -14.58
N THR H 46 20.13 23.59 -15.44
CA THR H 46 20.06 23.28 -16.87
C THR H 46 20.59 21.87 -17.19
N VAL H 47 21.69 21.48 -16.56
CA VAL H 47 22.18 20.13 -16.80
C VAL H 47 21.37 19.12 -16.01
N ALA H 48 20.90 19.52 -14.83
CA ALA H 48 19.97 18.71 -14.05
C ALA H 48 18.73 18.32 -14.84
N LEU H 49 18.09 19.31 -15.47
CA LEU H 49 16.88 19.06 -16.27
C LEU H 49 17.22 18.21 -17.49
N ARG H 50 18.38 18.44 -18.08
CA ARG H 50 18.84 17.62 -19.19
C ARG H 50 19.02 16.15 -18.76
N GLU H 51 19.51 15.95 -17.54
CA GLU H 51 19.72 14.61 -17.02
C GLU H 51 18.39 13.94 -16.69
N ILE H 52 17.39 14.70 -16.24
CA ILE H 52 16.07 14.10 -16.01
C ILE H 52 15.56 13.52 -17.31
N ARG H 53 15.48 14.36 -18.33
CA ARG H 53 15.00 13.86 -19.62
C ARG H 53 15.80 12.63 -20.11
N ARG H 54 17.12 12.64 -19.87
CA ARG H 54 17.95 11.53 -20.35
C ARG H 54 17.63 10.24 -19.63
N TYR H 55 17.57 10.27 -18.32
CA TYR H 55 17.40 9.03 -17.57
C TYR H 55 15.95 8.55 -17.59
N GLN H 56 15.01 9.43 -17.94
CA GLN H 56 13.64 9.00 -18.14
C GLN H 56 13.43 8.43 -19.53
N LYS H 57 14.44 8.53 -20.41
CA LYS H 57 14.28 7.95 -21.73
C LYS H 57 14.76 6.50 -21.77
N SER H 58 15.72 6.14 -20.91
CA SER H 58 16.37 4.85 -20.91
C SER H 58 15.83 3.94 -19.79
N THR H 59 16.29 2.69 -19.81
CA THR H 59 15.85 1.63 -18.90
C THR H 59 16.99 0.89 -18.24
N GLU H 60 18.24 1.25 -18.56
CA GLU H 60 19.40 0.58 -18.03
C GLU H 60 19.59 0.87 -16.54
N LEU H 61 20.17 -0.10 -15.84
CA LEU H 61 20.38 0.10 -14.41
C LEU H 61 21.40 1.22 -14.24
N LEU H 62 21.27 1.96 -13.13
CA LEU H 62 22.02 3.16 -12.87
C LEU H 62 23.05 2.96 -11.77
N ILE H 63 22.95 1.90 -11.00
CA ILE H 63 24.00 1.57 -10.06
C ILE H 63 24.99 0.67 -10.77
N ARG H 64 26.28 0.91 -10.54
CA ARG H 64 27.33 0.04 -11.09
C ARG H 64 27.26 -1.36 -10.49
N LYS H 65 27.34 -2.34 -11.41
CA LYS H 65 26.92 -3.72 -11.16
C LYS H 65 27.76 -4.37 -10.07
N LEU H 66 29.08 -4.14 -10.07
CA LEU H 66 29.98 -4.79 -9.11
C LEU H 66 29.83 -4.24 -7.70
N PRO H 67 29.79 -2.89 -7.46
CA PRO H 67 29.46 -2.36 -6.12
C PRO H 67 28.18 -2.93 -5.54
N PHE H 68 27.13 -2.91 -6.37
CA PHE H 68 25.86 -3.49 -5.95
C PHE H 68 26.02 -4.96 -5.55
N GLN H 69 26.65 -5.77 -6.41
CA GLN H 69 26.82 -7.18 -6.09
C GLN H 69 27.53 -7.35 -4.75
N ARG H 70 28.61 -6.60 -4.52
CA ARG H 70 29.36 -6.73 -3.26
C ARG H 70 28.50 -6.32 -2.06
N LEU H 71 27.60 -5.36 -2.26
CA LEU H 71 26.69 -5.01 -1.17
C LEU H 71 25.67 -6.13 -0.91
N VAL H 72 25.23 -6.82 -1.97
CA VAL H 72 24.28 -7.93 -1.80
C VAL H 72 24.93 -9.09 -1.07
N ARG H 73 26.16 -9.44 -1.46
CA ARG H 73 26.86 -10.54 -0.79
C ARG H 73 27.15 -10.19 0.67
N GLU H 74 27.57 -8.96 0.95
CA GLU H 74 27.76 -8.55 2.34
C GLU H 74 26.49 -8.62 3.19
N ILE H 75 25.38 -8.05 2.71
CA ILE H 75 24.17 -8.13 3.52
C ILE H 75 23.75 -9.57 3.71
N ALA H 76 23.89 -10.40 2.67
CA ALA H 76 23.44 -11.78 2.81
C ALA H 76 24.39 -12.54 3.73
N GLN H 77 25.69 -12.26 3.63
CA GLN H 77 26.67 -12.87 4.53
C GLN H 77 26.25 -12.70 5.99
N ASP H 78 25.79 -11.50 6.38
CA ASP H 78 25.33 -11.23 7.74
C ASP H 78 24.04 -11.97 8.10
N PHE H 79 23.45 -12.69 7.17
CA PHE H 79 22.29 -13.54 7.42
C PHE H 79 22.71 -15.00 7.37
N LYS H 80 23.44 -15.43 6.36
CA LYS H 80 23.91 -16.79 6.43
C LYS H 80 25.24 -16.88 5.67
N THR H 81 26.22 -17.53 6.27
CA THR H 81 27.54 -17.61 5.66
C THR H 81 27.54 -18.65 4.58
N ASP H 82 28.46 -18.46 3.67
CA ASP H 82 28.79 -19.31 2.55
C ASP H 82 27.51 -19.51 1.72
N LEU H 83 27.23 -18.51 0.91
CA LEU H 83 26.02 -18.47 0.10
C LEU H 83 26.53 -18.10 -1.27
N ARG H 84 25.99 -18.79 -2.25
CA ARG H 84 26.23 -18.52 -3.66
C ARG H 84 25.05 -17.78 -4.24
N PHE H 85 25.26 -17.02 -5.28
CA PHE H 85 24.15 -16.30 -5.88
C PHE H 85 24.09 -16.64 -7.35
N GLN H 86 22.90 -16.98 -7.84
CA GLN H 86 22.78 -16.99 -9.30
C GLN H 86 23.00 -15.54 -9.71
N SER H 87 23.62 -15.33 -10.87
CA SER H 87 23.83 -13.95 -11.31
C SER H 87 22.52 -13.25 -11.54
N SER H 88 21.51 -13.99 -12.04
CA SER H 88 20.18 -13.44 -12.24
C SER H 88 19.50 -13.10 -10.92
N ALA H 89 19.89 -13.75 -9.82
CA ALA H 89 19.27 -13.38 -8.56
C ALA H 89 19.76 -11.99 -8.14
N VAL H 90 21.01 -11.65 -8.50
CA VAL H 90 21.53 -10.33 -8.18
C VAL H 90 20.93 -9.33 -9.14
N MET H 91 20.79 -9.68 -10.42
CA MET H 91 20.08 -8.79 -11.36
C MET H 91 18.65 -8.52 -10.88
N ALA H 92 17.96 -9.54 -10.36
CA ALA H 92 16.60 -9.35 -9.86
C ALA H 92 16.58 -8.43 -8.64
N LEU H 93 17.56 -8.58 -7.74
CA LEU H 93 17.59 -7.70 -6.59
C LEU H 93 17.90 -6.28 -7.00
N GLN H 94 18.73 -6.11 -8.03
CA GLN H 94 19.07 -4.76 -8.50
C GLN H 94 17.93 -4.10 -9.27
N GLU H 95 17.23 -4.85 -10.11
CA GLU H 95 16.08 -4.31 -10.85
C GLU H 95 15.04 -3.83 -9.85
N ALA H 96 14.72 -4.67 -8.88
CA ALA H 96 13.71 -4.30 -7.90
C ALA H 96 14.19 -3.11 -7.05
N SER H 97 15.41 -3.17 -6.54
CA SER H 97 15.97 -2.11 -5.68
C SER H 97 15.96 -0.76 -6.37
N GLU H 98 16.45 -0.70 -7.62
CA GLU H 98 16.45 0.57 -8.35
C GLU H 98 15.02 1.02 -8.66
N ALA H 99 14.13 0.10 -9.01
CA ALA H 99 12.73 0.50 -9.19
C ALA H 99 12.14 1.11 -7.91
N TYR H 100 12.45 0.51 -6.76
CA TYR H 100 11.99 1.04 -5.47
C TYR H 100 12.53 2.44 -5.22
N LEU H 101 13.79 2.68 -5.57
CA LEU H 101 14.34 3.97 -5.21
C LEU H 101 13.85 5.02 -6.17
N VAL H 102 13.75 4.70 -7.47
CA VAL H 102 13.14 5.62 -8.43
C VAL H 102 11.74 6.08 -7.97
N ALA H 103 10.84 5.12 -7.70
CA ALA H 103 9.49 5.49 -7.22
C ALA H 103 9.48 6.22 -5.87
N LEU H 104 10.44 5.88 -4.99
CA LEU H 104 10.55 6.62 -3.75
C LEU H 104 11.03 8.04 -3.96
N PHE H 105 11.95 8.25 -4.88
CA PHE H 105 12.38 9.60 -5.22
C PHE H 105 11.23 10.36 -5.85
N GLU H 106 10.32 9.68 -6.56
CA GLU H 106 9.13 10.37 -7.07
C GLU H 106 8.30 10.91 -5.90
N ASP H 107 7.99 10.06 -4.92
CA ASP H 107 7.18 10.56 -3.81
C ASP H 107 7.93 11.63 -3.03
N THR H 108 9.24 11.43 -2.85
CA THR H 108 10.07 12.42 -2.16
C THR H 108 10.00 13.76 -2.86
N ASN H 109 10.03 13.74 -4.18
CA ASN H 109 9.98 14.98 -4.94
C ASN H 109 8.67 15.69 -4.71
N LEU H 110 7.57 14.93 -4.66
CA LEU H 110 6.29 15.60 -4.39
C LEU H 110 6.24 16.20 -3.00
N CYS H 111 6.78 15.51 -1.99
CA CYS H 111 6.85 16.11 -0.66
C CYS H 111 7.65 17.41 -0.65
N ALA H 112 8.79 17.42 -1.34
CA ALA H 112 9.54 18.66 -1.47
C ALA H 112 8.71 19.76 -2.11
N ILE H 113 8.12 19.50 -3.27
CA ILE H 113 7.26 20.50 -3.91
C ILE H 113 6.13 20.93 -2.99
N HIS H 114 5.55 19.99 -2.25
CA HIS H 114 4.50 20.33 -1.28
C HIS H 114 4.98 21.35 -0.26
N ALA H 115 6.27 21.35 0.06
CA ALA H 115 6.79 22.36 0.98
C ALA H 115 7.42 23.52 0.23
N LYS H 116 6.85 23.87 -0.93
CA LYS H 116 7.27 24.99 -1.79
C LYS H 116 8.76 24.97 -2.08
N ARG H 117 9.38 23.81 -2.00
CA ARG H 117 10.81 23.64 -2.26
C ARG H 117 11.02 22.91 -3.57
N VAL H 118 12.25 23.01 -4.04
CA VAL H 118 12.71 22.40 -5.29
C VAL H 118 13.75 21.35 -4.97
N THR H 119 14.26 21.35 -3.76
CA THR H 119 15.36 20.53 -3.29
C THR H 119 14.79 19.44 -2.41
N ILE H 120 15.11 18.17 -2.72
CA ILE H 120 14.68 17.06 -1.86
C ILE H 120 15.58 16.98 -0.64
N MET H 121 14.99 16.67 0.51
CA MET H 121 15.72 16.59 1.77
C MET H 121 15.34 15.33 2.51
N PRO H 122 16.21 14.85 3.42
CA PRO H 122 15.92 13.60 4.14
C PRO H 122 14.53 13.56 4.75
N LYS H 123 14.04 14.73 5.15
CA LYS H 123 12.72 14.82 5.76
C LYS H 123 11.61 14.53 4.74
N ASP H 124 11.86 14.75 3.44
CA ASP H 124 10.85 14.41 2.42
C ASP H 124 10.81 12.90 2.24
N ILE H 125 11.98 12.24 2.25
CA ILE H 125 12.02 10.79 2.19
C ILE H 125 11.28 10.21 3.38
N GLN H 126 11.53 10.76 4.56
CA GLN H 126 10.90 10.23 5.77
C GLN H 126 9.39 10.45 5.77
N LEU H 127 8.91 11.59 5.25
CA LEU H 127 7.46 11.76 5.11
C LEU H 127 6.89 10.74 4.14
N ALA H 128 7.56 10.58 3.01
CA ALA H 128 7.11 9.59 2.03
C ALA H 128 6.96 8.22 2.68
N ARG H 129 8.03 7.73 3.29
CA ARG H 129 8.04 6.38 3.84
C ARG H 129 7.02 6.22 4.96
N ARG H 130 6.87 7.24 5.80
CA ARG H 130 5.83 7.20 6.83
C ARG H 130 4.45 6.99 6.21
N ILE H 131 4.08 7.84 5.26
CA ILE H 131 2.76 7.71 4.61
C ILE H 131 2.59 6.34 3.95
N ARG H 132 3.57 5.91 3.14
CA ARG H 132 3.58 4.56 2.56
C ARG H 132 3.40 3.44 3.57
N GLY H 133 3.58 3.74 4.85
CA GLY H 133 3.52 2.75 5.92
C GLY H 133 4.75 1.87 6.01
N GLU H 134 5.87 2.31 5.45
CA GLU H 134 7.14 1.65 5.63
C GLU H 134 7.77 2.08 6.95
N ARG H 135 7.92 3.40 7.13
CA ARG H 135 8.38 4.03 8.40
C ARG H 135 9.92 4.04 8.35
N LYS I 21 33.99 -12.78 12.15
CA LYS I 21 34.46 -11.42 11.90
C LYS I 21 33.29 -10.55 11.49
N VAL I 22 33.45 -9.24 11.59
CA VAL I 22 32.39 -8.31 11.23
C VAL I 22 32.64 -7.74 9.83
N LEU I 23 31.63 -7.80 8.97
CA LEU I 23 31.69 -7.20 7.66
C LEU I 23 31.10 -5.79 7.71
N ARG I 24 31.74 -4.88 6.99
CA ARG I 24 31.33 -3.48 6.96
C ARG I 24 31.87 -2.86 5.69
N ASP I 25 31.63 -1.55 5.51
CA ASP I 25 32.30 -0.76 4.48
C ASP I 25 32.11 -1.42 3.10
N ASN I 26 30.86 -1.32 2.63
CA ASN I 26 30.45 -1.74 1.29
C ASN I 26 29.29 -0.90 0.80
N ILE I 27 28.40 -0.51 1.71
CA ILE I 27 27.28 0.36 1.38
C ILE I 27 27.76 1.58 0.59
N GLN I 28 28.95 2.09 0.90
CA GLN I 28 29.48 3.24 0.18
C GLN I 28 29.78 2.96 -1.28
N GLY I 29 29.72 1.71 -1.73
CA GLY I 29 29.80 1.44 -3.14
C GLY I 29 28.59 1.97 -3.90
N ILE I 30 27.51 2.27 -3.17
CA ILE I 30 26.39 3.01 -3.75
C ILE I 30 26.77 4.47 -3.60
N THR I 31 27.33 5.01 -4.67
CA THR I 31 28.04 6.29 -4.66
C THR I 31 27.07 7.46 -4.81
N LYS I 32 27.62 8.65 -4.60
CA LYS I 32 26.88 9.90 -4.79
C LYS I 32 26.36 10.06 -6.22
N PRO I 33 27.18 9.95 -7.28
CA PRO I 33 26.62 10.08 -8.64
C PRO I 33 25.58 9.02 -9.01
N ALA I 34 25.66 7.83 -8.42
CA ALA I 34 24.66 6.78 -8.67
C ALA I 34 23.31 7.13 -8.06
N ILE I 35 23.34 7.58 -6.80
CA ILE I 35 22.10 8.01 -6.16
C ILE I 35 21.55 9.19 -6.92
N ARG I 36 22.43 10.01 -7.48
CA ARG I 36 21.99 11.17 -8.22
C ARG I 36 21.23 10.75 -9.48
N ARG I 37 21.78 9.79 -10.23
CA ARG I 37 21.08 9.26 -11.41
C ARG I 37 19.72 8.65 -11.07
N LEU I 38 19.63 7.93 -9.96
CA LEU I 38 18.33 7.40 -9.58
C LEU I 38 17.38 8.54 -9.30
N ALA I 39 17.84 9.55 -8.56
CA ALA I 39 17.00 10.70 -8.29
C ALA I 39 16.54 11.36 -9.57
N ARG I 40 17.43 11.46 -10.56
CA ARG I 40 17.07 12.08 -11.84
C ARG I 40 15.94 11.31 -12.52
N ARG I 41 16.08 9.98 -12.65
CA ARG I 41 14.98 9.18 -13.20
C ARG I 41 13.69 9.34 -12.40
N GLY I 42 13.79 9.71 -11.12
CA GLY I 42 12.64 9.99 -10.28
C GLY I 42 12.12 11.40 -10.42
N GLY I 43 12.80 12.21 -11.24
CA GLY I 43 12.37 13.56 -11.54
C GLY I 43 12.89 14.61 -10.59
N VAL I 44 13.94 14.31 -9.83
CA VAL I 44 14.47 15.22 -8.83
C VAL I 44 15.48 16.19 -9.43
N LYS I 45 15.26 17.48 -9.19
CA LYS I 45 16.12 18.52 -9.74
C LYS I 45 17.30 18.87 -8.84
N ARG I 46 17.05 19.07 -7.55
CA ARG I 46 18.03 19.55 -6.60
C ARG I 46 18.07 18.61 -5.40
N ILE I 47 19.26 18.27 -4.94
CA ILE I 47 19.45 17.24 -3.93
C ILE I 47 20.30 17.80 -2.80
N SER I 48 19.73 17.84 -1.60
CA SER I 48 20.46 18.24 -0.39
C SER I 48 21.66 17.31 -0.19
N GLY I 49 22.65 17.80 0.56
CA GLY I 49 23.85 17.00 0.76
C GLY I 49 23.62 15.81 1.68
N LEU I 50 22.63 15.90 2.56
CA LEU I 50 22.37 14.80 3.49
C LEU I 50 21.57 13.65 2.90
N ILE I 51 21.08 13.79 1.67
CA ILE I 51 20.26 12.74 1.09
C ILE I 51 21.03 11.45 0.85
N TYR I 52 22.31 11.54 0.53
CA TYR I 52 23.06 10.37 0.08
C TYR I 52 23.19 9.33 1.16
N GLU I 53 23.60 9.75 2.36
CA GLU I 53 23.70 8.77 3.42
C GLU I 53 22.33 8.28 3.80
N GLU I 54 21.32 9.15 3.70
CA GLU I 54 19.96 8.73 4.01
C GLU I 54 19.50 7.67 3.03
N THR I 55 19.88 7.81 1.76
CA THR I 55 19.40 6.84 0.79
C THR I 55 20.11 5.51 0.96
N ARG I 56 21.33 5.57 1.48
CA ARG I 56 22.03 4.33 1.77
C ARG I 56 21.33 3.56 2.86
N GLY I 57 20.88 4.26 3.89
CA GLY I 57 20.19 3.58 4.96
C GLY I 57 18.89 3.01 4.46
N VAL I 58 18.17 3.77 3.65
CA VAL I 58 16.93 3.25 3.11
C VAL I 58 17.18 1.99 2.29
N LEU I 59 18.15 2.03 1.38
CA LEU I 59 18.40 0.84 0.56
C LEU I 59 18.87 -0.36 1.36
N LYS I 60 19.66 -0.13 2.39
CA LYS I 60 20.02 -1.26 3.23
C LYS I 60 18.78 -1.86 3.89
N VAL I 61 17.92 -1.02 4.50
CA VAL I 61 16.72 -1.60 5.10
C VAL I 61 15.95 -2.40 4.07
N PHE I 62 15.80 -1.87 2.86
CA PHE I 62 15.11 -2.59 1.82
C PHE I 62 15.80 -3.93 1.50
N LEU I 63 17.11 -3.88 1.20
CA LEU I 63 17.83 -5.12 0.87
C LEU I 63 17.79 -6.12 2.02
N GLU I 64 17.94 -5.64 3.25
CA GLU I 64 17.81 -6.53 4.41
C GLU I 64 16.48 -7.27 4.40
N ASN I 65 15.37 -6.54 4.28
CA ASN I 65 14.04 -7.16 4.39
C ASN I 65 13.83 -8.23 3.33
N VAL I 66 14.27 -7.96 2.09
CA VAL I 66 14.06 -8.87 0.96
C VAL I 66 15.01 -10.06 1.00
N ILE I 67 16.30 -9.80 1.24
CA ILE I 67 17.29 -10.88 1.28
C ILE I 67 16.98 -11.81 2.45
N ARG I 68 16.52 -11.24 3.57
CA ARG I 68 16.10 -12.09 4.67
C ARG I 68 15.08 -13.10 4.17
N ASP I 69 14.04 -12.63 3.48
CA ASP I 69 13.03 -13.56 3.00
C ASP I 69 13.57 -14.50 1.94
N ALA I 70 14.39 -13.99 1.03
CA ALA I 70 14.97 -14.86 0.01
C ALA I 70 15.73 -16.02 0.61
N VAL I 71 16.55 -15.70 1.61
CA VAL I 71 17.35 -16.71 2.26
C VAL I 71 16.45 -17.68 3.02
N THR I 72 15.42 -17.17 3.69
CA THR I 72 14.48 -18.07 4.33
C THR I 72 13.94 -19.10 3.35
N TYR I 73 13.65 -18.67 2.13
CA TYR I 73 13.17 -19.60 1.13
C TYR I 73 14.27 -20.57 0.71
N THR I 74 15.47 -20.01 0.45
CA THR I 74 16.62 -20.82 0.08
C THR I 74 16.89 -21.88 1.13
N GLU I 75 16.98 -21.47 2.39
CA GLU I 75 17.16 -22.41 3.49
C GLU I 75 16.17 -23.58 3.38
N HIS I 76 14.88 -23.27 3.19
CA HIS I 76 13.82 -24.27 3.24
C HIS I 76 13.96 -25.26 2.08
N ALA I 77 14.53 -24.83 0.97
CA ALA I 77 14.78 -25.70 -0.18
C ALA I 77 16.04 -26.53 0.00
N LYS I 78 16.73 -26.36 1.14
CA LYS I 78 17.98 -27.06 1.45
C LYS I 78 19.00 -26.82 0.35
N ARG I 79 19.22 -25.55 0.04
CA ARG I 79 20.18 -25.17 -0.98
C ARG I 79 21.23 -24.25 -0.36
N LYS I 80 22.35 -24.10 -1.07
CA LYS I 80 23.40 -23.19 -0.66
C LYS I 80 23.50 -22.01 -1.61
N THR I 81 22.71 -22.02 -2.67
CA THR I 81 22.67 -20.99 -3.69
C THR I 81 21.32 -20.30 -3.72
N VAL I 82 21.32 -18.99 -3.56
CA VAL I 82 20.11 -18.18 -3.64
C VAL I 82 19.70 -18.04 -5.11
N THR I 83 18.50 -18.53 -5.43
CA THR I 83 18.00 -18.47 -6.81
C THR I 83 17.19 -17.21 -7.06
N ALA I 84 17.14 -16.81 -8.33
CA ALA I 84 16.28 -15.72 -8.73
C ALA I 84 14.84 -15.96 -8.26
N MET I 85 14.41 -17.22 -8.23
CA MET I 85 13.05 -17.54 -7.77
C MET I 85 12.88 -17.23 -6.30
N ASP I 86 13.92 -17.46 -5.51
CA ASP I 86 13.84 -17.10 -4.09
C ASP I 86 13.58 -15.61 -3.94
N VAL I 87 14.31 -14.79 -4.68
CA VAL I 87 14.13 -13.33 -4.65
C VAL I 87 12.76 -12.93 -5.14
N VAL I 88 12.36 -13.44 -6.31
CA VAL I 88 11.03 -13.19 -6.87
C VAL I 88 9.93 -13.51 -5.87
N TYR I 89 9.99 -14.69 -5.27
CA TYR I 89 9.03 -15.03 -4.24
C TYR I 89 9.07 -14.06 -3.08
N ALA I 90 10.25 -13.56 -2.74
CA ALA I 90 10.35 -12.66 -1.60
C ALA I 90 9.78 -11.28 -1.92
N LEU I 91 10.17 -10.71 -3.05
CA LEU I 91 9.57 -9.49 -3.53
C LEU I 91 8.05 -9.60 -3.51
N LYS I 92 7.51 -10.69 -4.06
CA LYS I 92 6.07 -10.88 -4.02
C LYS I 92 5.57 -10.88 -2.58
N ARG I 93 6.26 -11.60 -1.69
CA ARG I 93 5.92 -11.57 -0.27
C ARG I 93 5.75 -10.14 0.25
N GLN I 94 6.62 -9.23 -0.17
CA GLN I 94 6.56 -7.90 0.43
C GLN I 94 5.60 -6.99 -0.32
N GLY I 95 4.88 -7.48 -1.34
CA GLY I 95 4.01 -6.63 -2.14
C GLY I 95 4.77 -5.76 -3.13
N ARG I 96 5.87 -6.33 -3.65
CA ARG I 96 6.77 -5.67 -4.59
C ARG I 96 7.04 -6.58 -5.79
N THR I 97 5.97 -7.24 -6.29
CA THR I 97 6.06 -8.21 -7.39
C THR I 97 6.94 -7.71 -8.53
N LEU I 98 7.74 -8.65 -9.09
CA LEU I 98 8.70 -8.35 -10.14
C LEU I 98 8.54 -9.31 -11.32
N TYR I 99 8.39 -8.71 -12.52
CA TYR I 99 8.21 -9.43 -13.77
C TYR I 99 9.53 -9.53 -14.54
N GLY I 100 9.80 -10.70 -15.10
CA GLY I 100 10.92 -10.88 -16.01
C GLY I 100 12.06 -11.72 -15.49
N PHE I 101 11.86 -12.44 -14.40
CA PHE I 101 12.91 -13.23 -13.79
C PHE I 101 12.40 -14.58 -13.36
N GLY I 102 11.15 -14.88 -13.73
CA GLY I 102 10.52 -16.14 -13.42
C GLY I 102 9.18 -15.91 -12.76
N GLY I 103 8.53 -17.04 -12.50
CA GLY I 103 7.29 -17.03 -11.73
C GLY I 103 6.09 -16.82 -12.61
N THR J 16 -7.05 -36.58 23.73
CA THR J 16 -7.02 -35.48 22.75
C THR J 16 -5.59 -35.17 22.35
N ARG J 17 -5.43 -34.60 21.15
CA ARG J 17 -4.14 -34.18 20.64
C ARG J 17 -3.58 -32.91 21.26
N SER J 18 -4.45 -32.12 21.89
CA SER J 18 -4.01 -30.91 22.56
C SER J 18 -3.20 -31.22 23.81
N SER J 19 -3.77 -32.07 24.67
CA SER J 19 -3.05 -32.54 25.85
C SER J 19 -1.70 -33.17 25.49
N ARG J 20 -1.72 -34.17 24.60
CA ARG J 20 -0.48 -34.80 24.15
C ARG J 20 0.57 -33.79 23.67
N ALA J 21 0.13 -32.62 23.22
CA ALA J 21 1.01 -31.56 22.76
C ALA J 21 1.20 -30.52 23.84
N GLY J 22 0.35 -30.56 24.85
CA GLY J 22 0.29 -29.60 25.91
C GLY J 22 -0.21 -28.25 25.48
N LEU J 23 -1.30 -28.21 24.73
CA LEU J 23 -1.86 -26.97 24.26
C LEU J 23 -3.27 -26.80 24.80
N GLN J 24 -3.70 -25.54 24.87
CA GLN J 24 -5.09 -25.24 25.19
C GLN J 24 -5.89 -25.14 23.91
N PHE J 25 -5.19 -24.88 22.81
CA PHE J 25 -5.80 -24.70 21.50
C PHE J 25 -6.00 -26.04 20.81
N PRO J 26 -7.09 -26.19 20.05
CA PRO J 26 -7.55 -27.49 19.54
C PRO J 26 -6.83 -27.99 18.30
N VAL J 27 -5.98 -29.01 18.50
CA VAL J 27 -5.17 -29.53 17.41
C VAL J 27 -6.08 -30.21 16.39
N GLY J 28 -7.17 -30.82 16.86
CA GLY J 28 -8.11 -31.51 16.00
C GLY J 28 -8.76 -30.56 15.02
N ARG J 29 -9.36 -29.50 15.58
CA ARG J 29 -9.97 -28.46 14.75
C ARG J 29 -9.01 -27.85 13.74
N VAL J 30 -7.76 -27.59 14.14
CA VAL J 30 -6.78 -27.03 13.21
C VAL J 30 -6.40 -28.00 12.10
N HIS J 31 -6.31 -29.28 12.41
CA HIS J 31 -6.02 -30.23 11.35
C HIS J 31 -7.20 -30.31 10.37
N ARG J 32 -8.42 -30.31 10.90
CA ARG J 32 -9.63 -30.28 10.07
C ARG J 32 -9.60 -29.10 9.11
N LEU J 33 -9.51 -27.87 9.66
CA LEU J 33 -9.46 -26.66 8.85
C LEU J 33 -8.34 -26.67 7.81
N LEU J 34 -7.17 -27.23 8.14
CA LEU J 34 -6.09 -27.24 7.16
C LEU J 34 -6.41 -28.15 5.97
N ARG J 35 -7.14 -29.24 6.20
CA ARG J 35 -7.59 -30.12 5.12
C ARG J 35 -8.77 -29.54 4.34
N LYS J 36 -9.77 -29.03 5.06
CA LYS J 36 -10.98 -28.48 4.42
C LYS J 36 -10.72 -27.14 3.73
N GLY J 37 -9.49 -26.64 3.78
CA GLY J 37 -9.15 -25.30 3.35
C GLY J 37 -8.43 -25.22 2.03
N ASN J 38 -8.15 -26.36 1.37
CA ASN J 38 -7.45 -26.47 0.07
C ASN J 38 -6.13 -25.72 0.14
N TYR J 39 -5.30 -26.14 1.06
CA TYR J 39 -3.97 -25.61 1.20
C TYR J 39 -2.97 -26.54 0.50
N ALA J 40 -3.17 -27.84 0.62
CA ALA J 40 -2.39 -28.82 -0.11
C ALA J 40 -3.15 -30.13 -0.09
N GLU J 41 -2.70 -31.07 -0.94
CA GLU J 41 -3.28 -32.40 -0.96
C GLU J 41 -3.32 -33.00 0.44
N ARG J 42 -2.15 -33.05 1.05
CA ARG J 42 -1.93 -33.75 2.31
C ARG J 42 -1.36 -32.81 3.36
N VAL J 43 -1.82 -33.02 4.59
CA VAL J 43 -1.36 -32.27 5.75
C VAL J 43 -0.68 -33.23 6.73
N GLY J 44 0.61 -32.99 7.00
CA GLY J 44 1.38 -33.78 7.95
C GLY J 44 0.81 -33.75 9.37
N ALA J 45 1.26 -34.71 10.20
CA ALA J 45 0.73 -34.84 11.57
C ALA J 45 1.30 -33.76 12.50
N GLY J 46 2.49 -33.24 12.21
CA GLY J 46 3.05 -32.18 13.04
C GLY J 46 2.48 -30.81 12.75
N ALA J 47 2.12 -30.55 11.50
CA ALA J 47 1.58 -29.27 11.06
C ALA J 47 0.46 -28.71 11.94
N PRO J 48 -0.67 -29.39 12.18
CA PRO J 48 -1.69 -28.78 13.06
C PRO J 48 -1.16 -28.47 14.45
N VAL J 49 -0.27 -29.30 14.97
CA VAL J 49 0.25 -29.09 16.32
C VAL J 49 1.07 -27.80 16.39
N TYR J 50 2.09 -27.70 15.54
CA TYR J 50 2.86 -26.46 15.38
C TYR J 50 1.95 -25.25 15.20
N LEU J 51 1.07 -25.29 14.20
CA LEU J 51 0.21 -24.16 13.93
C LEU J 51 -0.66 -23.81 15.15
N ALA J 52 -1.22 -24.82 15.82
CA ALA J 52 -2.11 -24.55 16.94
C ALA J 52 -1.33 -23.92 18.07
N ALA J 53 -0.03 -24.17 18.08
CA ALA J 53 0.83 -23.70 19.15
C ALA J 53 1.24 -22.26 18.88
N VAL J 54 1.72 -21.98 17.66
CA VAL J 54 1.85 -20.59 17.23
C VAL J 54 0.59 -19.77 17.51
N LEU J 55 -0.58 -20.22 17.03
CA LEU J 55 -1.83 -19.49 17.32
C LEU J 55 -2.03 -19.25 18.81
N GLU J 56 -1.77 -20.26 19.63
CA GLU J 56 -1.94 -20.10 21.06
C GLU J 56 -0.95 -19.07 21.61
N TYR J 57 0.31 -19.17 21.19
CA TYR J 57 1.35 -18.23 21.59
C TYR J 57 1.00 -16.79 21.29
N LEU J 58 0.59 -16.50 20.05
CA LEU J 58 0.27 -15.13 19.71
C LEU J 58 -0.94 -14.68 20.53
N THR J 59 -1.93 -15.56 20.66
CA THR J 59 -3.08 -15.26 21.50
C THR J 59 -2.60 -14.78 22.87
N ALA J 60 -1.80 -15.58 23.55
CA ALA J 60 -1.29 -15.22 24.88
C ALA J 60 -0.48 -13.91 24.87
N GLU J 61 0.36 -13.70 23.85
CA GLU J 61 1.06 -12.43 23.75
C GLU J 61 0.07 -11.25 23.77
N ILE J 62 -1.03 -11.34 23.01
CA ILE J 62 -1.93 -10.19 22.92
C ILE J 62 -2.78 -10.07 24.18
N LEU J 63 -3.30 -11.20 24.68
CA LEU J 63 -4.01 -11.18 25.94
C LEU J 63 -3.16 -10.66 27.10
N GLU J 64 -1.90 -11.09 27.23
CA GLU J 64 -0.93 -10.52 28.18
C GLU J 64 -0.94 -8.99 28.12
N LEU J 65 -0.67 -8.45 26.92
CA LEU J 65 -0.43 -7.02 26.85
C LEU J 65 -1.72 -6.23 27.02
N ALA J 66 -2.86 -6.89 26.82
CA ALA J 66 -4.12 -6.17 26.80
C ALA J 66 -4.83 -6.29 28.15
N GLY J 67 -4.60 -7.38 28.87
CA GLY J 67 -4.86 -7.38 30.30
C GLY J 67 -4.02 -6.32 31.00
N ASN J 68 -2.78 -6.14 30.58
CA ASN J 68 -2.01 -5.05 31.15
C ASN J 68 -2.67 -3.71 30.89
N ALA J 69 -2.96 -3.40 29.62
CA ALA J 69 -3.74 -2.19 29.32
C ALA J 69 -4.97 -2.07 30.20
N ALA J 70 -5.77 -3.15 30.30
CA ALA J 70 -6.98 -3.12 31.11
C ALA J 70 -6.69 -2.68 32.54
N ARG J 71 -5.63 -3.24 33.15
CA ARG J 71 -5.28 -2.89 34.52
C ARG J 71 -4.84 -1.44 34.63
N ASP J 72 -3.97 -0.99 33.72
CA ASP J 72 -3.59 0.42 33.66
C ASP J 72 -4.80 1.34 33.60
N ASN J 73 -5.89 0.86 32.99
CA ASN J 73 -7.06 1.69 32.78
C ASN J 73 -8.09 1.48 33.89
N LYS J 74 -7.72 0.68 34.89
CA LYS J 74 -8.50 0.44 36.11
C LYS J 74 -9.70 -0.47 35.90
N LYS J 75 -9.62 -1.30 34.85
CA LYS J 75 -10.67 -2.29 34.52
C LYS J 75 -10.21 -3.71 34.84
N THR J 76 -11.20 -4.56 35.16
CA THR J 76 -11.04 -6.00 35.27
C THR J 76 -11.31 -6.72 33.97
N ARG J 77 -11.98 -6.09 33.01
CA ARG J 77 -12.44 -6.77 31.79
C ARG J 77 -11.81 -6.09 30.57
N ILE J 78 -11.21 -6.90 29.70
CA ILE J 78 -10.73 -6.47 28.38
C ILE J 78 -11.83 -6.11 27.41
N ILE J 79 -11.89 -4.83 27.03
CA ILE J 79 -12.67 -4.30 25.91
C ILE J 79 -11.76 -4.03 24.70
N PRO J 80 -12.31 -3.75 23.51
CA PRO J 80 -11.44 -3.69 22.33
C PRO J 80 -10.43 -2.57 22.38
N ARG J 81 -10.69 -1.50 23.13
CA ARG J 81 -9.67 -0.48 23.23
C ARG J 81 -8.41 -1.00 23.90
N HIS J 82 -8.57 -1.96 24.82
CA HIS J 82 -7.40 -2.51 25.47
C HIS J 82 -6.58 -3.34 24.51
N LEU J 83 -7.26 -4.00 23.57
CA LEU J 83 -6.56 -4.75 22.55
C LEU J 83 -5.84 -3.80 21.62
N GLN J 84 -6.36 -2.59 21.48
CA GLN J 84 -5.83 -1.68 20.49
C GLN J 84 -4.62 -1.00 21.10
N LEU J 85 -4.78 -0.42 22.28
CA LEU J 85 -3.64 0.01 23.10
C LEU J 85 -2.54 -1.03 23.10
N ALA J 86 -2.87 -2.28 23.44
CA ALA J 86 -1.90 -3.36 23.38
C ALA J 86 -1.18 -3.41 22.05
N VAL J 87 -1.91 -3.51 20.95
CA VAL J 87 -1.26 -3.79 19.68
C VAL J 87 -0.44 -2.60 19.20
N ARG J 88 -0.93 -1.38 19.39
CA ARG J 88 -0.29 -0.22 18.76
C ARG J 88 0.84 0.32 19.61
N ASN J 89 0.89 -0.03 20.89
CA ASN J 89 2.07 0.29 21.69
C ASN J 89 3.19 -0.74 21.53
N ASP J 90 2.86 -1.97 21.13
CA ASP J 90 3.88 -2.96 20.80
C ASP J 90 4.32 -2.85 19.34
N GLU J 91 5.61 -2.54 19.12
CA GLU J 91 6.16 -2.46 17.78
C GLU J 91 5.84 -3.65 16.90
N GLU J 92 6.07 -4.85 17.43
CA GLU J 92 6.03 -6.01 16.57
C GLU J 92 4.60 -6.45 16.29
N LEU J 93 3.73 -6.37 17.28
CA LEU J 93 2.31 -6.62 17.06
C LEU J 93 1.74 -5.55 16.14
N ASN J 94 2.12 -4.29 16.40
CA ASN J 94 1.70 -3.17 15.55
C ASN J 94 2.03 -3.49 14.10
N LYS J 95 3.15 -4.17 13.87
CA LYS J 95 3.57 -4.44 12.50
C LYS J 95 2.78 -5.62 11.94
N LEU J 96 2.65 -6.71 12.71
CA LEU J 96 1.83 -7.84 12.30
C LEU J 96 0.41 -7.43 11.86
N LEU J 97 -0.23 -6.53 12.60
CA LEU J 97 -1.56 -5.99 12.34
C LEU J 97 -1.55 -4.61 11.70
N GLY J 98 -0.63 -4.34 10.77
CA GLY J 98 -0.47 -2.97 10.30
C GLY J 98 -1.51 -2.56 9.30
N ARG J 99 -2.14 -3.53 8.64
CA ARG J 99 -3.27 -3.32 7.74
C ARG J 99 -4.56 -3.89 8.30
N VAL J 100 -4.72 -3.75 9.59
CA VAL J 100 -5.85 -4.30 10.30
C VAL J 100 -6.46 -3.19 11.12
N THR J 101 -7.74 -3.31 11.34
CA THR J 101 -8.52 -2.28 12.00
C THR J 101 -9.31 -2.94 13.10
N ILE J 102 -9.20 -2.40 14.29
CA ILE J 102 -9.66 -3.11 15.45
C ILE J 102 -10.91 -2.33 15.81
N ALA J 103 -12.07 -2.87 15.43
CA ALA J 103 -13.36 -2.24 15.71
C ALA J 103 -13.29 -1.56 17.07
N GLN J 104 -13.79 -0.33 17.17
CA GLN J 104 -14.03 0.27 18.49
C GLN J 104 -12.73 0.38 19.28
N GLY J 105 -11.59 0.58 18.63
CA GLY J 105 -10.39 0.68 19.43
C GLY J 105 -9.77 2.05 19.47
N GLY J 106 -10.16 2.92 18.56
CA GLY J 106 -9.66 4.28 18.70
C GLY J 106 -8.22 4.42 18.23
N VAL J 107 -7.56 5.46 18.74
CA VAL J 107 -6.17 5.74 18.39
C VAL J 107 -5.35 5.95 19.65
N LEU J 108 -4.04 5.99 19.45
CA LEU J 108 -3.15 6.39 20.54
C LEU J 108 -3.17 7.90 20.71
N PRO J 109 -3.25 8.40 21.95
CA PRO J 109 -3.05 9.85 22.17
C PRO J 109 -1.69 10.33 21.68
N ASN J 110 -1.70 11.18 20.64
CA ASN J 110 -0.45 11.70 20.08
C ASN J 110 -0.74 13.04 19.40
N ILE J 111 -0.41 14.13 20.08
CA ILE J 111 -0.45 15.45 19.48
C ILE J 111 0.93 15.84 19.00
N GLN J 112 1.00 16.33 17.77
CA GLN J 112 2.26 16.77 17.20
C GLN J 112 2.77 17.99 17.94
N SER J 113 4.10 18.07 18.11
CA SER J 113 4.74 19.07 18.94
C SER J 113 4.42 20.53 18.55
N VAL J 114 4.64 20.90 17.30
CA VAL J 114 4.40 22.27 16.83
C VAL J 114 2.98 22.77 17.10
N LEU J 115 2.05 21.87 17.41
CA LEU J 115 0.68 22.28 17.69
C LEU J 115 0.49 22.70 19.14
N LEU J 116 1.45 22.36 20.00
CA LEU J 116 1.44 22.75 21.42
C LEU J 116 1.75 24.24 21.61
N PRO J 117 1.01 24.92 22.48
CA PRO J 117 1.32 26.32 22.81
C PRO J 117 2.69 26.51 23.45
N LYS J 118 3.39 27.56 23.02
CA LYS J 118 4.64 27.85 23.68
C LYS J 118 4.58 28.98 24.71
N ARG K 27 -35.66 -23.57 17.48
CA ARG K 27 -34.45 -24.22 17.08
C ARG K 27 -33.25 -23.31 17.30
N LYS K 28 -32.15 -23.60 16.62
CA LYS K 28 -30.83 -23.14 17.02
C LYS K 28 -29.83 -23.47 15.92
N THR K 29 -28.77 -22.68 15.78
CA THR K 29 -27.80 -22.85 14.70
C THR K 29 -26.42 -22.71 15.34
N ARG K 30 -25.54 -23.64 14.98
CA ARG K 30 -24.16 -23.70 15.46
C ARG K 30 -23.03 -23.01 14.68
N LYS K 31 -22.42 -22.00 15.31
CA LYS K 31 -21.23 -21.29 14.81
C LYS K 31 -20.07 -21.55 15.77
N GLU K 32 -18.98 -22.16 15.28
CA GLU K 32 -17.72 -22.38 15.97
C GLU K 32 -16.88 -21.10 16.09
N SER K 33 -16.20 -20.94 17.22
CA SER K 33 -15.22 -19.87 17.43
C SER K 33 -14.16 -20.33 18.43
N TYR K 34 -13.07 -19.58 18.52
CA TYR K 34 -11.98 -19.91 19.44
C TYR K 34 -12.19 -19.33 20.82
N ALA K 35 -13.41 -18.86 21.10
CA ALA K 35 -13.73 -18.16 22.34
C ALA K 35 -13.32 -18.91 23.61
N ILE K 36 -13.58 -20.22 23.67
CA ILE K 36 -13.27 -21.01 24.88
C ILE K 36 -11.77 -21.14 25.11
N TYR K 37 -11.01 -21.22 24.02
CA TYR K 37 -9.56 -21.39 24.10
C TYR K 37 -8.86 -20.08 24.41
N VAL K 38 -9.43 -18.97 23.90
CA VAL K 38 -8.93 -17.64 24.22
C VAL K 38 -9.10 -17.40 25.72
N TYR K 39 -10.26 -17.76 26.25
CA TYR K 39 -10.51 -17.72 27.71
C TYR K 39 -9.52 -18.55 28.50
N LYS K 40 -9.38 -19.82 28.12
CA LYS K 40 -8.42 -20.72 28.76
C LYS K 40 -7.02 -20.13 28.82
N VAL K 41 -6.59 -19.48 27.73
CA VAL K 41 -5.26 -18.86 27.67
C VAL K 41 -5.24 -17.55 28.49
N LEU K 42 -6.32 -16.79 28.43
CA LEU K 42 -6.45 -15.58 29.23
C LEU K 42 -6.22 -15.90 30.71
N LYS K 43 -6.77 -17.04 31.14
CA LYS K 43 -6.65 -17.46 32.54
C LYS K 43 -5.21 -17.79 32.93
N GLN K 44 -4.45 -18.37 32.01
CA GLN K 44 -3.02 -18.61 32.23
C GLN K 44 -2.26 -17.31 32.47
N VAL K 45 -2.46 -16.33 31.59
CA VAL K 45 -1.67 -15.09 31.60
C VAL K 45 -2.19 -14.02 32.57
N HIS K 46 -3.49 -14.04 32.83
CA HIS K 46 -4.12 -13.02 33.67
C HIS K 46 -5.33 -13.63 34.37
N PRO K 47 -5.10 -14.49 35.39
CA PRO K 47 -6.19 -15.20 36.06
C PRO K 47 -7.30 -14.30 36.58
N ASP K 48 -6.95 -13.09 37.01
CA ASP K 48 -7.93 -12.20 37.66
C ASP K 48 -8.57 -11.18 36.73
N THR K 49 -8.46 -11.41 35.42
CA THR K 49 -9.09 -10.51 34.44
C THR K 49 -9.95 -11.21 33.38
N GLY K 50 -10.99 -10.50 32.94
CA GLY K 50 -11.95 -11.00 31.95
C GLY K 50 -11.93 -10.25 30.63
N ILE K 51 -12.96 -10.47 29.81
CA ILE K 51 -13.00 -9.97 28.43
C ILE K 51 -14.44 -9.74 27.95
N SER K 52 -14.66 -8.62 27.24
CA SER K 52 -15.96 -8.31 26.65
C SER K 52 -16.21 -9.15 25.40
N SER K 53 -17.46 -9.13 24.91
CA SER K 53 -17.84 -9.91 23.73
C SER K 53 -17.18 -9.34 22.48
N LYS K 54 -17.17 -8.01 22.40
CA LYS K 54 -16.54 -7.29 21.29
C LYS K 54 -15.05 -7.62 21.19
N ALA K 55 -14.35 -7.50 22.31
CA ALA K 55 -12.94 -7.87 22.41
C ALA K 55 -12.73 -9.34 22.05
N MET K 56 -13.70 -10.17 22.42
CA MET K 56 -13.66 -11.59 22.09
C MET K 56 -13.79 -11.83 20.60
N SER K 57 -14.59 -11.00 19.94
CA SER K 57 -14.78 -11.11 18.51
C SER K 57 -13.51 -10.68 17.75
N ILE K 58 -12.75 -9.75 18.33
CA ILE K 58 -11.48 -9.32 17.77
C ILE K 58 -10.42 -10.41 17.87
N MET K 59 -10.35 -11.06 19.03
CA MET K 59 -9.44 -12.17 19.23
C MET K 59 -9.71 -13.28 18.23
N ASN K 60 -10.99 -13.58 18.08
CA ASN K 60 -11.46 -14.53 17.07
C ASN K 60 -11.00 -14.17 15.65
N SER K 61 -11.25 -12.92 15.24
CA SER K 61 -10.78 -12.41 13.96
C SER K 61 -9.28 -12.59 13.81
N PHE K 62 -8.56 -12.24 14.88
CA PHE K 62 -7.11 -12.29 14.92
C PHE K 62 -6.55 -13.68 14.67
N VAL K 63 -7.12 -14.67 15.36
CA VAL K 63 -6.66 -16.05 15.22
C VAL K 63 -6.92 -16.57 13.82
N ASN K 64 -8.14 -16.37 13.32
CA ASN K 64 -8.50 -16.73 11.95
C ASN K 64 -7.57 -16.10 10.93
N ASP K 65 -7.37 -14.80 11.06
CA ASP K 65 -6.50 -14.07 10.16
C ASP K 65 -5.09 -14.64 10.16
N VAL K 66 -4.49 -14.77 11.35
CA VAL K 66 -3.14 -15.33 11.47
C VAL K 66 -3.10 -16.79 11.00
N PHE K 67 -4.12 -17.56 11.35
CA PHE K 67 -4.27 -18.91 10.78
C PHE K 67 -4.18 -18.90 9.26
N GLU K 68 -5.04 -18.11 8.61
CA GLU K 68 -5.10 -18.01 7.13
C GLU K 68 -3.76 -17.63 6.55
N ARG K 69 -3.10 -16.66 7.19
CA ARG K 69 -1.83 -16.10 6.71
C ARG K 69 -0.68 -17.09 6.74
N ILE K 70 -0.60 -17.88 7.83
CA ILE K 70 0.45 -18.91 7.93
C ILE K 70 0.12 -20.03 6.99
N ALA K 71 -1.14 -20.46 7.04
CA ALA K 71 -1.59 -21.55 6.18
C ALA K 71 -1.36 -21.25 4.69
N GLY K 72 -1.69 -20.02 4.26
CA GLY K 72 -1.49 -19.60 2.88
C GLY K 72 -0.04 -19.64 2.46
N GLU K 73 0.82 -19.09 3.32
CA GLU K 73 2.27 -19.11 3.09
C GLU K 73 2.80 -20.53 3.01
N ALA K 74 2.33 -21.39 3.90
CA ALA K 74 2.72 -22.81 3.91
C ALA K 74 2.28 -23.53 2.64
N SER K 75 1.04 -23.27 2.23
CA SER K 75 0.52 -23.67 0.91
C SER K 75 1.47 -23.30 -0.23
N ARG K 76 1.86 -22.03 -0.30
CA ARG K 76 2.76 -21.60 -1.37
C ARG K 76 4.12 -22.26 -1.33
N LEU K 77 4.71 -22.33 -0.13
CA LEU K 77 6.00 -23.04 0.08
C LEU K 77 5.99 -24.47 -0.48
N ALA K 78 4.96 -25.22 -0.15
CA ALA K 78 4.74 -26.55 -0.71
C ALA K 78 4.73 -26.54 -2.25
N HIS K 79 3.90 -25.69 -2.84
CA HIS K 79 3.83 -25.58 -4.31
C HIS K 79 5.15 -25.17 -4.94
N TYR K 80 5.83 -24.20 -4.34
CA TYR K 80 7.13 -23.75 -4.85
C TYR K 80 8.13 -24.90 -4.91
N ASN K 81 8.06 -25.81 -3.95
CA ASN K 81 9.02 -26.92 -3.88
C ASN K 81 8.50 -28.21 -4.46
N LYS K 82 7.31 -28.15 -5.06
CA LYS K 82 6.72 -29.28 -5.78
C LYS K 82 6.39 -30.42 -4.84
N ARG K 83 5.80 -30.08 -3.70
CA ARG K 83 5.47 -31.06 -2.68
C ARG K 83 3.98 -31.08 -2.44
N SER K 84 3.46 -32.27 -2.17
CA SER K 84 2.04 -32.50 -1.96
C SER K 84 1.64 -32.32 -0.50
N THR K 85 2.62 -32.10 0.37
CA THR K 85 2.37 -32.14 1.81
C THR K 85 2.80 -30.86 2.53
N ILE K 86 1.93 -30.39 3.42
CA ILE K 86 2.27 -29.32 4.35
C ILE K 86 2.62 -29.95 5.70
N THR K 87 3.92 -29.98 6.00
CA THR K 87 4.40 -30.53 7.26
C THR K 87 4.85 -29.41 8.19
N SER K 88 5.11 -29.74 9.44
CA SER K 88 5.53 -28.76 10.43
C SER K 88 6.63 -27.85 9.88
N ARG K 89 7.50 -28.41 9.05
CA ARG K 89 8.59 -27.68 8.45
C ARG K 89 8.09 -26.54 7.55
N GLU K 90 6.93 -26.73 6.91
CA GLU K 90 6.32 -25.66 6.12
C GLU K 90 5.70 -24.64 7.04
N ILE K 91 5.05 -25.09 8.12
CA ILE K 91 4.50 -24.16 9.10
C ILE K 91 5.60 -23.34 9.74
N GLN K 92 6.78 -23.95 9.87
CA GLN K 92 7.90 -23.32 10.55
C GLN K 92 8.49 -22.23 9.69
N THR K 93 8.80 -22.56 8.44
CA THR K 93 9.21 -21.55 7.48
C THR K 93 8.12 -20.47 7.30
N ALA K 94 6.89 -20.86 7.07
CA ALA K 94 5.78 -19.90 7.03
C ALA K 94 5.88 -18.88 8.16
N VAL K 95 6.09 -19.35 9.39
CA VAL K 95 6.19 -18.49 10.59
C VAL K 95 7.35 -17.49 10.52
N ARG K 96 8.42 -17.87 9.84
CA ARG K 96 9.62 -17.06 9.71
C ARG K 96 9.57 -16.02 8.59
N LEU K 97 8.84 -16.32 7.52
CA LEU K 97 8.53 -15.35 6.49
C LEU K 97 7.52 -14.35 7.07
N LEU K 98 6.50 -14.88 7.72
CA LEU K 98 5.44 -14.02 8.24
C LEU K 98 5.90 -13.17 9.39
N LEU K 99 6.09 -13.77 10.58
CA LEU K 99 6.28 -13.02 11.81
C LEU K 99 7.57 -12.20 11.82
N PRO K 100 7.53 -11.06 12.49
CA PRO K 100 8.76 -10.28 12.73
C PRO K 100 9.66 -10.84 13.81
N GLY K 101 10.96 -10.89 13.50
CA GLY K 101 12.05 -11.23 14.41
C GLY K 101 11.80 -11.92 15.73
N GLU K 102 11.66 -11.10 16.78
CA GLU K 102 11.53 -11.66 18.13
C GLU K 102 10.27 -12.53 18.24
N LEU K 103 9.19 -12.08 17.60
CA LEU K 103 7.91 -12.79 17.60
C LEU K 103 8.01 -14.17 16.95
N ALA K 104 8.79 -14.26 15.86
CA ALA K 104 9.08 -15.53 15.20
C ALA K 104 9.91 -16.49 16.06
N LYS K 105 10.97 -15.97 16.67
CA LYS K 105 11.87 -16.77 17.51
C LYS K 105 11.10 -17.53 18.58
N HIS K 106 10.31 -16.81 19.35
CA HIS K 106 9.43 -17.42 20.34
C HIS K 106 8.43 -18.38 19.74
N ALA K 107 7.90 -18.04 18.56
CA ALA K 107 6.87 -18.85 17.90
C ALA K 107 7.43 -20.19 17.46
N VAL K 108 8.64 -20.18 16.88
CA VAL K 108 9.35 -21.38 16.46
C VAL K 108 9.61 -22.31 17.66
N SER K 109 9.93 -21.71 18.81
CA SER K 109 10.17 -22.45 20.04
C SER K 109 8.94 -23.21 20.50
N GLU K 110 7.85 -22.47 20.76
CA GLU K 110 6.59 -23.06 21.18
C GLU K 110 6.08 -24.12 20.22
N GLY K 111 6.37 -23.90 18.92
CA GLY K 111 5.97 -24.83 17.88
C GLY K 111 6.77 -26.12 17.95
N THR K 112 8.09 -26.00 17.83
CA THR K 112 8.97 -27.15 17.98
C THR K 112 8.74 -27.88 19.32
N LYS K 113 8.63 -27.12 20.40
CA LYS K 113 8.32 -27.65 21.72
C LYS K 113 7.08 -28.55 21.72
N ALA K 114 5.93 -27.99 21.33
CA ALA K 114 4.67 -28.75 21.29
C ALA K 114 4.74 -29.98 20.38
N VAL K 115 5.42 -29.87 19.25
CA VAL K 115 5.61 -31.02 18.35
C VAL K 115 6.39 -32.13 19.06
N THR K 116 7.48 -31.77 19.74
CA THR K 116 8.28 -32.71 20.51
C THR K 116 7.42 -33.43 21.54
N LYS K 117 6.77 -32.65 22.41
CA LYS K 117 5.93 -33.19 23.48
C LYS K 117 4.84 -34.12 22.94
N TYR K 118 4.34 -33.81 21.75
CA TYR K 118 3.27 -34.57 21.11
C TYR K 118 3.74 -35.94 20.63
N THR K 119 4.85 -35.98 19.89
CA THR K 119 5.40 -37.25 19.36
C THR K 119 5.98 -38.16 20.45
N SER K 120 6.35 -37.56 21.58
CA SER K 120 6.83 -38.29 22.76
C SER K 120 5.68 -38.53 23.75
N ALA K 121 4.48 -38.72 23.20
CA ALA K 121 3.27 -39.03 23.97
C ALA K 121 2.35 -39.88 23.09
N LYS K 122 2.81 -40.08 21.85
CA LYS K 122 2.19 -40.90 20.80
C LYS K 122 0.93 -41.72 21.15
#